data_5KTV
# 
_entry.id   5KTV 
# 
_audit_conform.dict_name       mmcif_pdbx.dic 
_audit_conform.dict_version    5.383 
_audit_conform.dict_location   http://mmcif.pdb.org/dictionaries/ascii/mmcif_pdbx.dic 
# 
loop_
_database_2.database_id 
_database_2.database_code 
_database_2.pdbx_database_accession 
_database_2.pdbx_DOI 
PDB   5KTV         pdb_00005ktv 10.2210/pdb5ktv/pdb 
WWPDB D_1000221347 ?            ?                   
# 
loop_
_pdbx_audit_revision_history.ordinal 
_pdbx_audit_revision_history.data_content_type 
_pdbx_audit_revision_history.major_revision 
_pdbx_audit_revision_history.minor_revision 
_pdbx_audit_revision_history.revision_date 
1 'Structure model' 1 0 2017-05-03 
2 'Structure model' 1 1 2019-10-16 
3 'Structure model' 1 2 2024-01-10 
# 
_pdbx_audit_revision_details.ordinal             1 
_pdbx_audit_revision_details.revision_ordinal    1 
_pdbx_audit_revision_details.data_content_type   'Structure model' 
_pdbx_audit_revision_details.provider            repository 
_pdbx_audit_revision_details.type                'Initial release' 
_pdbx_audit_revision_details.description         ? 
_pdbx_audit_revision_details.details             ? 
# 
loop_
_pdbx_audit_revision_group.ordinal 
_pdbx_audit_revision_group.revision_ordinal 
_pdbx_audit_revision_group.data_content_type 
_pdbx_audit_revision_group.group 
1 2 'Structure model' 'Data collection'        
2 3 'Structure model' 'Data collection'        
3 3 'Structure model' 'Database references'    
4 3 'Structure model' 'Derived calculations'   
5 3 'Structure model' 'Refinement description' 
# 
loop_
_pdbx_audit_revision_category.ordinal 
_pdbx_audit_revision_category.revision_ordinal 
_pdbx_audit_revision_category.data_content_type 
_pdbx_audit_revision_category.category 
1 2 'Structure model' reflns_shell                  
2 3 'Structure model' chem_comp_atom                
3 3 'Structure model' chem_comp_bond                
4 3 'Structure model' database_2                    
5 3 'Structure model' pdbx_initial_refinement_model 
6 3 'Structure model' pdbx_struct_conn_angle        
7 3 'Structure model' struct_conn                   
# 
loop_
_pdbx_audit_revision_item.ordinal 
_pdbx_audit_revision_item.revision_ordinal 
_pdbx_audit_revision_item.data_content_type 
_pdbx_audit_revision_item.item 
1  3 'Structure model' '_database_2.pdbx_DOI'                        
2  3 'Structure model' '_database_2.pdbx_database_accession'         
3  3 'Structure model' '_pdbx_struct_conn_angle.ptnr1_auth_asym_id'  
4  3 'Structure model' '_pdbx_struct_conn_angle.ptnr1_auth_comp_id'  
5  3 'Structure model' '_pdbx_struct_conn_angle.ptnr1_auth_seq_id'   
6  3 'Structure model' '_pdbx_struct_conn_angle.ptnr1_label_asym_id' 
7  3 'Structure model' '_pdbx_struct_conn_angle.ptnr1_label_atom_id' 
8  3 'Structure model' '_pdbx_struct_conn_angle.ptnr1_label_comp_id' 
9  3 'Structure model' '_pdbx_struct_conn_angle.ptnr1_label_seq_id'  
10 3 'Structure model' '_pdbx_struct_conn_angle.ptnr1_symmetry'      
11 3 'Structure model' '_pdbx_struct_conn_angle.ptnr2_auth_seq_id'   
12 3 'Structure model' '_pdbx_struct_conn_angle.ptnr2_label_asym_id' 
13 3 'Structure model' '_pdbx_struct_conn_angle.ptnr3_auth_asym_id'  
14 3 'Structure model' '_pdbx_struct_conn_angle.ptnr3_auth_comp_id'  
15 3 'Structure model' '_pdbx_struct_conn_angle.ptnr3_auth_seq_id'   
16 3 'Structure model' '_pdbx_struct_conn_angle.ptnr3_label_asym_id' 
17 3 'Structure model' '_pdbx_struct_conn_angle.ptnr3_label_atom_id' 
18 3 'Structure model' '_pdbx_struct_conn_angle.ptnr3_label_comp_id' 
19 3 'Structure model' '_pdbx_struct_conn_angle.ptnr3_label_seq_id'  
20 3 'Structure model' '_pdbx_struct_conn_angle.ptnr3_symmetry'      
21 3 'Structure model' '_pdbx_struct_conn_angle.value'               
22 3 'Structure model' '_struct_conn.conn_type_id'                   
23 3 'Structure model' '_struct_conn.id'                             
24 3 'Structure model' '_struct_conn.pdbx_dist_value'                
25 3 'Structure model' '_struct_conn.pdbx_leaving_atom_flag'         
26 3 'Structure model' '_struct_conn.ptnr1_auth_asym_id'             
27 3 'Structure model' '_struct_conn.ptnr1_auth_comp_id'             
28 3 'Structure model' '_struct_conn.ptnr1_auth_seq_id'              
29 3 'Structure model' '_struct_conn.ptnr1_label_asym_id'            
30 3 'Structure model' '_struct_conn.ptnr1_label_atom_id'            
31 3 'Structure model' '_struct_conn.ptnr1_label_comp_id'            
32 3 'Structure model' '_struct_conn.ptnr1_label_seq_id'             
33 3 'Structure model' '_struct_conn.ptnr1_symmetry'                 
34 3 'Structure model' '_struct_conn.ptnr2_auth_asym_id'             
35 3 'Structure model' '_struct_conn.ptnr2_auth_comp_id'             
36 3 'Structure model' '_struct_conn.ptnr2_auth_seq_id'              
37 3 'Structure model' '_struct_conn.ptnr2_label_asym_id'            
38 3 'Structure model' '_struct_conn.ptnr2_label_atom_id'            
39 3 'Structure model' '_struct_conn.ptnr2_label_comp_id'            
40 3 'Structure model' '_struct_conn.ptnr2_label_seq_id'             
41 3 'Structure model' '_struct_conn.ptnr2_symmetry'                 
# 
_pdbx_database_status.status_code                     REL 
_pdbx_database_status.status_code_sf                  REL 
_pdbx_database_status.status_code_mr                  ? 
_pdbx_database_status.entry_id                        5KTV 
_pdbx_database_status.recvd_initial_deposition_date   2016-07-12 
_pdbx_database_status.SG_entry                        N 
_pdbx_database_status.deposit_site                    RCSB 
_pdbx_database_status.process_site                    PDBE 
_pdbx_database_status.status_code_cs                  ? 
_pdbx_database_status.methods_development_category    ? 
_pdbx_database_status.pdb_format_compatible           Y 
_pdbx_database_status.status_code_nmr_data            ? 
# 
loop_
_audit_author.name 
_audit_author.pdbx_ordinal 
'Ahmad Sobri, A.F.' 1 
'Brady, R.L.'       2 
# 
_citation.abstract                  ? 
_citation.abstract_id_CAS           ? 
_citation.book_id_ISBN              ? 
_citation.book_publisher            ? 
_citation.book_publisher_city       ? 
_citation.book_title                ? 
_citation.coordinate_linkage        ? 
_citation.country                   GE 
_citation.database_id_Medline       ? 
_citation.details                   ? 
_citation.id                        primary 
_citation.journal_abbrev            Chemistry 
_citation.journal_id_ASTM           ? 
_citation.journal_id_CSD            ? 
_citation.journal_id_ISSN           0947-6539 
_citation.journal_full              ? 
_citation.journal_issue             ? 
_citation.journal_volume            ? 
_citation.language                  ? 
_citation.page_first                ? 
_citation.page_last                 ? 
_citation.title                     'Structural Basis of the Mispairing of an Artificially Expanded Genetic Information System' 
_citation.year                      2017 
_citation.database_id_CSD           ? 
_citation.pdbx_database_id_DOI      10.1016/j.chempr.2016.11.009 
_citation.pdbx_database_id_PubMed   ? 
_citation.unpublished_flag          ? 
# 
loop_
_citation_author.citation_id 
_citation_author.name 
_citation_author.ordinal 
_citation_author.identifier_ORCID 
primary 'Reichenbach, L.F.' 1  ? 
primary 'Ahmad Sobri, A.F.' 2  ? 
primary 'Zaccai, N.R.'      3  ? 
primary 'Agnew, C.'         4  ? 
primary 'Burton, N.'        5  ? 
primary 'Eperon, L.P.'      6  ? 
primary 'de Ornellas, S.'   7  ? 
primary 'Eperon, I.C.'      8  ? 
primary 'Brady, R.L.'       9  ? 
primary 'Burley, G.A.'      10 ? 
# 
loop_
_entity.id 
_entity.type 
_entity.src_method 
_entity.pdbx_description 
_entity.formula_weight 
_entity.pdbx_number_of_molecules 
_entity.pdbx_ec 
_entity.pdbx_mutation 
_entity.pdbx_fragment 
_entity.details 
1 polymer     syn 
;DNA (5'-D(P*GP*CP*GP*AP*AP*TP*TP*(1W5)P*GP*CP*G)-3')
;
3707.402 2  ? ? ? ? 
2 non-polymer syn 'CALCIUM ION'                                          40.078   9  ? ? ? ? 
3 water       nat water                                                  18.015   16 ? ? ? ? 
# 
_entity_poly.entity_id                      1 
_entity_poly.type                           polydeoxyribonucleotide 
_entity_poly.nstd_linkage                   no 
_entity_poly.nstd_monomer                   yes 
_entity_poly.pdbx_seq_one_letter_code       '(DC)(DG)(DC)(DG)(DA)(DA)(DT)(DT)(1W5)(DG)(DC)(DG)' 
_entity_poly.pdbx_seq_one_letter_code_can   CGCGAATTXGCG 
_entity_poly.pdbx_strand_id                 A,B 
_entity_poly.pdbx_target_identifier         ? 
# 
loop_
_pdbx_entity_nonpoly.entity_id 
_pdbx_entity_nonpoly.name 
_pdbx_entity_nonpoly.comp_id 
2 'CALCIUM ION' CA  
3 water         HOH 
# 
loop_
_entity_poly_seq.entity_id 
_entity_poly_seq.num 
_entity_poly_seq.mon_id 
_entity_poly_seq.hetero 
1 1  DC  n 
1 2  DG  n 
1 3  DC  n 
1 4  DG  n 
1 5  DA  n 
1 6  DA  n 
1 7  DT  n 
1 8  DT  n 
1 9  1W5 n 
1 10 DG  n 
1 11 DC  n 
1 12 DG  n 
# 
_pdbx_entity_src_syn.entity_id              1 
_pdbx_entity_src_syn.pdbx_src_id            1 
_pdbx_entity_src_syn.pdbx_alt_source_flag   sample 
_pdbx_entity_src_syn.pdbx_beg_seq_num       1 
_pdbx_entity_src_syn.pdbx_end_seq_num       12 
_pdbx_entity_src_syn.organism_scientific    'synthetic construct' 
_pdbx_entity_src_syn.organism_common_name   ? 
_pdbx_entity_src_syn.ncbi_taxonomy_id       32630 
_pdbx_entity_src_syn.details                ? 
# 
loop_
_chem_comp.id 
_chem_comp.type 
_chem_comp.mon_nstd_flag 
_chem_comp.name 
_chem_comp.pdbx_synonyms 
_chem_comp.formula 
_chem_comp.formula_weight 
1W5 'DNA linking' . '(1R)-1-(6-amino-2-hydroxy-5-nitropyridin-3-yl)-1,4-anhydro-2-deoxy-5-O-phosphono-D-erythro-pentitol' ? 
'C10 H14 N3 O9 P' 351.207 
CA  non-polymer   . 'CALCIUM ION'                                                                                         ? 'Ca 2' 
40.078  
DA  'DNA linking' y "2'-DEOXYADENOSINE-5'-MONOPHOSPHATE"                                                                  ? 
'C10 H14 N5 O6 P' 331.222 
DC  'DNA linking' y "2'-DEOXYCYTIDINE-5'-MONOPHOSPHATE"                                                                   ? 
'C9 H14 N3 O7 P'  307.197 
DG  'DNA linking' y "2'-DEOXYGUANOSINE-5'-MONOPHOSPHATE"                                                                  ? 
'C10 H14 N5 O7 P' 347.221 
DT  'DNA linking' y "THYMIDINE-5'-MONOPHOSPHATE"                                                                          ? 
'C10 H15 N2 O8 P' 322.208 
HOH non-polymer   . WATER                                                                                                 ? 'H2 O' 
18.015  
# 
loop_
_pdbx_poly_seq_scheme.asym_id 
_pdbx_poly_seq_scheme.entity_id 
_pdbx_poly_seq_scheme.seq_id 
_pdbx_poly_seq_scheme.mon_id 
_pdbx_poly_seq_scheme.ndb_seq_num 
_pdbx_poly_seq_scheme.pdb_seq_num 
_pdbx_poly_seq_scheme.auth_seq_num 
_pdbx_poly_seq_scheme.pdb_mon_id 
_pdbx_poly_seq_scheme.auth_mon_id 
_pdbx_poly_seq_scheme.pdb_strand_id 
_pdbx_poly_seq_scheme.pdb_ins_code 
_pdbx_poly_seq_scheme.hetero 
A 1 1  DC  1  1  ?  ?   ?   A . n 
A 1 2  DG  2  2  2  DG  DG  A . n 
A 1 3  DC  3  3  3  DC  DC  A . n 
A 1 4  DG  4  4  4  DG  DG  A . n 
A 1 5  DA  5  5  5  DA  DA  A . n 
A 1 6  DA  6  6  6  DA  DA  A . n 
A 1 7  DT  7  7  7  DT  DT  A . n 
A 1 8  DT  8  8  8  DT  DT  A . n 
A 1 9  1W5 9  9  9  1W5 1W5 A . n 
A 1 10 DG  10 10 10 DG  DG  A . n 
A 1 11 DC  11 11 11 DC  DC  A . n 
A 1 12 DG  12 12 12 DG  DG  A . n 
B 1 1  DC  1  13 ?  ?   ?   B . n 
B 1 2  DG  2  14 14 DG  DG  B . n 
B 1 3  DC  3  15 15 DC  DC  B . n 
B 1 4  DG  4  16 16 DG  DG  B . n 
B 1 5  DA  5  17 17 DA  DA  B . n 
B 1 6  DA  6  18 18 DA  DA  B . n 
B 1 7  DT  7  19 19 DT  DT  B . n 
B 1 8  DT  8  20 20 DT  DT  B . n 
B 1 9  1W5 9  21 21 1W5 1W5 B . n 
B 1 10 DG  10 22 22 DG  DG  B . n 
B 1 11 DC  11 23 23 DC  DC  B . n 
B 1 12 DG  12 24 24 DG  DG  B . n 
# 
loop_
_pdbx_nonpoly_scheme.asym_id 
_pdbx_nonpoly_scheme.entity_id 
_pdbx_nonpoly_scheme.mon_id 
_pdbx_nonpoly_scheme.ndb_seq_num 
_pdbx_nonpoly_scheme.pdb_seq_num 
_pdbx_nonpoly_scheme.auth_seq_num 
_pdbx_nonpoly_scheme.pdb_mon_id 
_pdbx_nonpoly_scheme.auth_mon_id 
_pdbx_nonpoly_scheme.pdb_strand_id 
_pdbx_nonpoly_scheme.pdb_ins_code 
C 2 CA  1  101 11 CA  CA  A . 
D 2 CA  1  102 13 CA  CA  A . 
E 2 CA  1  103 17 CA  CA  A . 
F 2 CA  1  104 18 CA  CA  A . 
G 2 CA  1  105 23 CA  CA  A . 
H 2 CA  1  101 19 CA  CA  B . 
I 2 CA  1  102 20 CA  CA  B . 
J 2 CA  1  103 21 CA  CA  B . 
K 2 CA  1  104 22 CA  CA  B . 
L 3 HOH 1  201 22 HOH HOH A . 
L 3 HOH 2  202 27 HOH HOH A . 
L 3 HOH 3  203 28 HOH HOH A . 
L 3 HOH 4  204 29 HOH HOH A . 
M 3 HOH 1  201 12 HOH HOH B . 
M 3 HOH 2  202 19 HOH HOH B . 
M 3 HOH 3  203 24 HOH HOH B . 
M 3 HOH 4  204 26 HOH HOH B . 
M 3 HOH 5  205 6  HOH HOH B . 
M 3 HOH 6  206 23 HOH HOH B . 
M 3 HOH 7  207 18 HOH HOH B . 
M 3 HOH 8  208 25 HOH HOH B . 
M 3 HOH 9  209 31 HOH HOH B . 
M 3 HOH 10 210 30 HOH HOH B . 
M 3 HOH 11 211 21 HOH HOH B . 
M 3 HOH 12 212 20 HOH HOH B . 
# 
loop_
_software.citation_id 
_software.classification 
_software.compiler_name 
_software.compiler_version 
_software.contact_author 
_software.contact_author_email 
_software.date 
_software.description 
_software.dependencies 
_software.hardware 
_software.language 
_software.location 
_software.mods 
_software.name 
_software.os 
_software.os_version 
_software.type 
_software.version 
_software.pdbx_ordinal 
? refinement       ? ? ? ? ? ? ? ? ? ? ? REFMAC  ? ? ? 5.8.0135 1 
? 'data reduction' ? ? ? ? ? ? ? ? ? ? ? XDS     ? ? ? .        2 
? 'data scaling'   ? ? ? ? ? ? ? ? ? ? ? Aimless ? ? ? .        3 
? phasing          ? ? ? ? ? ? ? ? ? ? ? PHASER  ? ? ? .        4 
# 
_cell.angle_alpha                  90.00 
_cell.angle_alpha_esd              ? 
_cell.angle_beta                   90.00 
_cell.angle_beta_esd               ? 
_cell.angle_gamma                  120.00 
_cell.angle_gamma_esd              ? 
_cell.entry_id                     5KTV 
_cell.details                      ? 
_cell.formula_units_Z              ? 
_cell.length_a                     40.924 
_cell.length_a_esd                 ? 
_cell.length_b                     40.924 
_cell.length_b_esd                 ? 
_cell.length_c                     102.147 
_cell.length_c_esd                 ? 
_cell.volume                       ? 
_cell.volume_esd                   ? 
_cell.Z_PDB                        18 
_cell.reciprocal_angle_alpha       ? 
_cell.reciprocal_angle_beta        ? 
_cell.reciprocal_angle_gamma       ? 
_cell.reciprocal_angle_alpha_esd   ? 
_cell.reciprocal_angle_beta_esd    ? 
_cell.reciprocal_angle_gamma_esd   ? 
_cell.reciprocal_length_a          ? 
_cell.reciprocal_length_b          ? 
_cell.reciprocal_length_c          ? 
_cell.reciprocal_length_a_esd      ? 
_cell.reciprocal_length_b_esd      ? 
_cell.reciprocal_length_c_esd      ? 
_cell.pdbx_unique_axis             ? 
# 
_symmetry.entry_id                         5KTV 
_symmetry.cell_setting                     ? 
_symmetry.Int_Tables_number                146 
_symmetry.space_group_name_Hall            ? 
_symmetry.space_group_name_H-M             'H 3' 
_symmetry.pdbx_full_space_group_name_H-M   ? 
# 
_exptl.absorpt_coefficient_mu     ? 
_exptl.absorpt_correction_T_max   ? 
_exptl.absorpt_correction_T_min   ? 
_exptl.absorpt_correction_type    ? 
_exptl.absorpt_process_details    ? 
_exptl.entry_id                   5KTV 
_exptl.crystals_number            1 
_exptl.details                    ? 
_exptl.method                     'X-RAY DIFFRACTION' 
_exptl.method_details             ? 
# 
_exptl_crystal.colour                      ? 
_exptl_crystal.density_diffrn              ? 
_exptl_crystal.density_Matthews            2.22 
_exptl_crystal.density_method              ? 
_exptl_crystal.density_percent_sol         44.60 
_exptl_crystal.description                 ? 
_exptl_crystal.F_000                       ? 
_exptl_crystal.id                          1 
_exptl_crystal.preparation                 ? 
_exptl_crystal.size_max                    ? 
_exptl_crystal.size_mid                    ? 
_exptl_crystal.size_min                    ? 
_exptl_crystal.size_rad                    ? 
_exptl_crystal.colour_lustre               ? 
_exptl_crystal.colour_modifier             ? 
_exptl_crystal.colour_primary              ? 
_exptl_crystal.density_meas                ? 
_exptl_crystal.density_meas_esd            ? 
_exptl_crystal.density_meas_gt             ? 
_exptl_crystal.density_meas_lt             ? 
_exptl_crystal.density_meas_temp           ? 
_exptl_crystal.density_meas_temp_esd       ? 
_exptl_crystal.density_meas_temp_gt        ? 
_exptl_crystal.density_meas_temp_lt        ? 
_exptl_crystal.pdbx_crystal_image_url      ? 
_exptl_crystal.pdbx_crystal_image_format   ? 
_exptl_crystal.pdbx_mosaicity              ? 
_exptl_crystal.pdbx_mosaicity_esd          ? 
# 
_exptl_crystal_grow.apparatus       ? 
_exptl_crystal_grow.atmosphere      ? 
_exptl_crystal_grow.crystal_id      1 
_exptl_crystal_grow.details         ? 
_exptl_crystal_grow.method          'VAPOR DIFFUSION, HANGING DROP' 
_exptl_crystal_grow.method_ref      ? 
_exptl_crystal_grow.pH              8.5 
_exptl_crystal_grow.pressure        ? 
_exptl_crystal_grow.pressure_esd    ? 
_exptl_crystal_grow.seeding         ? 
_exptl_crystal_grow.seeding_ref     ? 
_exptl_crystal_grow.temp            291.15 
_exptl_crystal_grow.temp_details    ? 
_exptl_crystal_grow.temp_esd        ? 
_exptl_crystal_grow.time            ? 
_exptl_crystal_grow.pdbx_details    
;100mM Sodium Chloride, 20mM Tris pH 8.5, 
34% hexylene glycol,
;
_exptl_crystal_grow.pdbx_pH_range   ? 
# 
_diffrn.ambient_environment    ? 
_diffrn.ambient_temp           100 
_diffrn.ambient_temp_details   ? 
_diffrn.ambient_temp_esd       ? 
_diffrn.crystal_id             1 
_diffrn.crystal_support        ? 
_diffrn.crystal_treatment      ? 
_diffrn.details                ? 
_diffrn.id                     1 
_diffrn.ambient_pressure       ? 
_diffrn.ambient_pressure_esd   ? 
_diffrn.ambient_pressure_gt    ? 
_diffrn.ambient_pressure_lt    ? 
_diffrn.ambient_temp_gt        ? 
_diffrn.ambient_temp_lt        ? 
# 
_diffrn_detector.details                      ? 
_diffrn_detector.detector                     PIXEL 
_diffrn_detector.diffrn_id                    1 
_diffrn_detector.type                         'DECTRIS PILATUS 6M-F' 
_diffrn_detector.area_resol_mean              ? 
_diffrn_detector.dtime                        ? 
_diffrn_detector.pdbx_frames_total            ? 
_diffrn_detector.pdbx_collection_time_total   ? 
_diffrn_detector.pdbx_collection_date         2016-04-30 
# 
_diffrn_radiation.collimation                      ? 
_diffrn_radiation.diffrn_id                        1 
_diffrn_radiation.filter_edge                      ? 
_diffrn_radiation.inhomogeneity                    ? 
_diffrn_radiation.monochromator                    ? 
_diffrn_radiation.polarisn_norm                    ? 
_diffrn_radiation.polarisn_ratio                   ? 
_diffrn_radiation.probe                            ? 
_diffrn_radiation.type                             ? 
_diffrn_radiation.xray_symbol                      ? 
_diffrn_radiation.wavelength_id                    1 
_diffrn_radiation.pdbx_monochromatic_or_laue_m_l   M 
_diffrn_radiation.pdbx_wavelength_list             ? 
_diffrn_radiation.pdbx_wavelength                  ? 
_diffrn_radiation.pdbx_diffrn_protocol             'SINGLE WAVELENGTH' 
_diffrn_radiation.pdbx_analyzer                    ? 
_diffrn_radiation.pdbx_scattering_type             x-ray 
# 
_diffrn_radiation_wavelength.id           1 
_diffrn_radiation_wavelength.wavelength   0.928190 
_diffrn_radiation_wavelength.wt           1.0 
# 
_diffrn_source.current                     ? 
_diffrn_source.details                     ? 
_diffrn_source.diffrn_id                   1 
_diffrn_source.power                       ? 
_diffrn_source.size                        ? 
_diffrn_source.source                      SYNCHROTRON 
_diffrn_source.target                      ? 
_diffrn_source.type                        'DIAMOND BEAMLINE I02' 
_diffrn_source.voltage                     ? 
_diffrn_source.take-off_angle              ? 
_diffrn_source.pdbx_wavelength_list        0.928190 
_diffrn_source.pdbx_wavelength             ? 
_diffrn_source.pdbx_synchrotron_beamline   I02 
_diffrn_source.pdbx_synchrotron_site       Diamond 
# 
_reflns.B_iso_Wilson_estimate            ? 
_reflns.entry_id                         5KTV 
_reflns.data_reduction_details           ? 
_reflns.data_reduction_method            ? 
_reflns.d_resolution_high                2.30 
_reflns.d_resolution_low                 33.48 
_reflns.details                          ? 
_reflns.limit_h_max                      ? 
_reflns.limit_h_min                      ? 
_reflns.limit_k_max                      ? 
_reflns.limit_k_min                      ? 
_reflns.limit_l_max                      ? 
_reflns.limit_l_min                      ? 
_reflns.number_all                       ? 
_reflns.number_obs                       2550 
_reflns.observed_criterion               ? 
_reflns.observed_criterion_F_max         ? 
_reflns.observed_criterion_F_min         ? 
_reflns.observed_criterion_I_max         ? 
_reflns.observed_criterion_I_min         ? 
_reflns.observed_criterion_sigma_F       ? 
_reflns.observed_criterion_sigma_I       ? 
_reflns.percent_possible_obs             100 
_reflns.R_free_details                   ? 
_reflns.Rmerge_F_all                     ? 
_reflns.Rmerge_F_obs                     ? 
_reflns.Friedel_coverage                 ? 
_reflns.number_gt                        ? 
_reflns.threshold_expression             ? 
_reflns.pdbx_redundancy                  11.1 
_reflns.pdbx_Rmerge_I_obs                ? 
_reflns.pdbx_Rmerge_I_all                ? 
_reflns.pdbx_Rsym_value                  ? 
_reflns.pdbx_netI_over_av_sigmaI         ? 
_reflns.pdbx_netI_over_sigmaI            2.3 
_reflns.pdbx_res_netI_over_av_sigmaI_2   ? 
_reflns.pdbx_res_netI_over_sigmaI_2      ? 
_reflns.pdbx_chi_squared                 ? 
_reflns.pdbx_scaling_rejects             ? 
_reflns.pdbx_d_res_high_opt              ? 
_reflns.pdbx_d_res_low_opt               ? 
_reflns.pdbx_d_res_opt_method            ? 
_reflns.phase_calculation_details        ? 
_reflns.pdbx_Rrim_I_all                  ? 
_reflns.pdbx_Rpim_I_all                  ? 
_reflns.pdbx_d_opt                       ? 
_reflns.pdbx_number_measured_all         ? 
_reflns.pdbx_diffrn_id                   1 
_reflns.pdbx_ordinal                     1 
_reflns.pdbx_CC_half                     ? 
_reflns.pdbx_R_split                     ? 
# 
_refine.aniso_B[1][1]                            0.01 
_refine.aniso_B[1][2]                            0.00 
_refine.aniso_B[1][3]                            0.00 
_refine.aniso_B[2][2]                            0.01 
_refine.aniso_B[2][3]                            0.00 
_refine.aniso_B[3][3]                            -0.02 
_refine.B_iso_max                                ? 
_refine.B_iso_mean                               67.537 
_refine.B_iso_min                                ? 
_refine.correlation_coeff_Fo_to_Fc               0.971 
_refine.correlation_coeff_Fo_to_Fc_free          0.943 
_refine.details                                  'HYDROGENS HAVE BEEN ADDED IN THE RIDING POSITIONS' 
_refine.diff_density_max                         ? 
_refine.diff_density_max_esd                     ? 
_refine.diff_density_min                         ? 
_refine.diff_density_min_esd                     ? 
_refine.diff_density_rms                         ? 
_refine.diff_density_rms_esd                     ? 
_refine.entry_id                                 5KTV 
_refine.pdbx_refine_id                           'X-RAY DIFFRACTION' 
_refine.ls_abs_structure_details                 ? 
_refine.ls_abs_structure_Flack                   ? 
_refine.ls_abs_structure_Flack_esd               ? 
_refine.ls_abs_structure_Rogers                  ? 
_refine.ls_abs_structure_Rogers_esd              ? 
_refine.ls_d_res_high                            2.35 
_refine.ls_d_res_low                             34.05 
_refine.ls_extinction_coef                       ? 
_refine.ls_extinction_coef_esd                   ? 
_refine.ls_extinction_expression                 ? 
_refine.ls_extinction_method                     ? 
_refine.ls_goodness_of_fit_all                   ? 
_refine.ls_goodness_of_fit_all_esd               ? 
_refine.ls_goodness_of_fit_obs                   ? 
_refine.ls_goodness_of_fit_obs_esd               ? 
_refine.ls_hydrogen_treatment                    ? 
_refine.ls_matrix_type                           ? 
_refine.ls_number_constraints                    ? 
_refine.ls_number_parameters                     ? 
_refine.ls_number_reflns_all                     ? 
_refine.ls_number_reflns_obs                     2550 
_refine.ls_number_reflns_R_free                  109 
_refine.ls_number_reflns_R_work                  ? 
_refine.ls_number_restraints                     ? 
_refine.ls_percent_reflns_obs                    99.70 
_refine.ls_percent_reflns_R_free                 4.1 
_refine.ls_R_factor_all                          ? 
_refine.ls_R_factor_obs                          0.18316 
_refine.ls_R_factor_R_free                       0.23775 
_refine.ls_R_factor_R_free_error                 ? 
_refine.ls_R_factor_R_free_error_details         ? 
_refine.ls_R_factor_R_work                       0.18030 
_refine.ls_R_Fsqd_factor_obs                     ? 
_refine.ls_R_I_factor_obs                        ? 
_refine.ls_redundancy_reflns_all                 ? 
_refine.ls_redundancy_reflns_obs                 ? 
_refine.ls_restrained_S_all                      ? 
_refine.ls_restrained_S_obs                      ? 
_refine.ls_shift_over_esd_max                    ? 
_refine.ls_shift_over_esd_mean                   ? 
_refine.ls_structure_factor_coef                 ? 
_refine.ls_weighting_details                     ? 
_refine.ls_weighting_scheme                      ? 
_refine.ls_wR_factor_all                         ? 
_refine.ls_wR_factor_obs                         ? 
_refine.ls_wR_factor_R_free                      ? 
_refine.ls_wR_factor_R_work                      ? 
_refine.occupancy_max                            ? 
_refine.occupancy_min                            ? 
_refine.solvent_model_details                    ? 
_refine.solvent_model_param_bsol                 ? 
_refine.solvent_model_param_ksol                 ? 
_refine.ls_R_factor_gt                           ? 
_refine.ls_goodness_of_fit_gt                    ? 
_refine.ls_goodness_of_fit_ref                   ? 
_refine.ls_shift_over_su_max                     ? 
_refine.ls_shift_over_su_max_lt                  ? 
_refine.ls_shift_over_su_mean                    ? 
_refine.ls_shift_over_su_mean_lt                 ? 
_refine.pdbx_ls_sigma_I                          ? 
_refine.pdbx_ls_sigma_F                          ? 
_refine.pdbx_ls_sigma_Fsqd                       ? 
_refine.pdbx_data_cutoff_high_absF               ? 
_refine.pdbx_data_cutoff_high_rms_absF           ? 
_refine.pdbx_data_cutoff_low_absF                ? 
_refine.pdbx_isotropic_thermal_model             ? 
_refine.pdbx_ls_cross_valid_method               THROUGHOUT 
_refine.pdbx_method_to_determine_struct          'MOLECULAR REPLACEMENT' 
_refine.pdbx_starting_model                      476D 
_refine.pdbx_stereochemistry_target_values       ? 
_refine.pdbx_R_Free_selection_details            RANDOM 
_refine.pdbx_stereochem_target_val_spec_case     ? 
_refine.pdbx_overall_ESU_R                       0.384 
_refine.pdbx_overall_ESU_R_Free                  0.247 
_refine.pdbx_solvent_vdw_probe_radii             1.20 
_refine.pdbx_solvent_ion_probe_radii             0.80 
_refine.pdbx_solvent_shrinkage_radii             0.80 
_refine.pdbx_real_space_R                        ? 
_refine.pdbx_density_correlation                 ? 
_refine.pdbx_pd_number_of_powder_patterns        ? 
_refine.pdbx_pd_number_of_points                 ? 
_refine.pdbx_pd_meas_number_of_points            ? 
_refine.pdbx_pd_proc_ls_prof_R_factor            ? 
_refine.pdbx_pd_proc_ls_prof_wR_factor           ? 
_refine.pdbx_pd_Marquardt_correlation_coeff      ? 
_refine.pdbx_pd_Fsqrd_R_factor                   ? 
_refine.pdbx_pd_ls_matrix_band_width             ? 
_refine.pdbx_overall_phase_error                 ? 
_refine.pdbx_overall_SU_R_free_Cruickshank_DPI   ? 
_refine.pdbx_overall_SU_R_free_Blow_DPI          ? 
_refine.pdbx_overall_SU_R_Blow_DPI               ? 
_refine.pdbx_TLS_residual_ADP_flag               ? 
_refine.pdbx_diffrn_id                           1 
_refine.overall_SU_B                             8.201 
_refine.overall_SU_ML                            0.189 
_refine.overall_SU_R_Cruickshank_DPI             ? 
_refine.overall_SU_R_free                        ? 
_refine.overall_FOM_free_R_set                   ? 
_refine.overall_FOM_work_R_set                   ? 
_refine.pdbx_average_fsc_overall                 ? 
_refine.pdbx_average_fsc_work                    ? 
_refine.pdbx_average_fsc_free                    ? 
# 
_refine_hist.pdbx_refine_id                   'X-RAY DIFFRACTION' 
_refine_hist.cycle_id                         1 
_refine_hist.pdbx_number_atoms_protein        0 
_refine_hist.pdbx_number_atoms_nucleic_acid   460 
_refine_hist.pdbx_number_atoms_ligand         9 
_refine_hist.number_atoms_solvent             16 
_refine_hist.number_atoms_total               485 
_refine_hist.d_res_high                       2.35 
_refine_hist.d_res_low                        34.05 
# 
loop_
_refine_ls_restr.pdbx_refine_id 
_refine_ls_restr.criterion 
_refine_ls_restr.dev_ideal 
_refine_ls_restr.dev_ideal_target 
_refine_ls_restr.number 
_refine_ls_restr.rejects 
_refine_ls_restr.type 
_refine_ls_restr.weight 
_refine_ls_restr.pdbx_restraint_function 
'X-RAY DIFFRACTION' ? 0.007  0.011  514 ? r_bond_refined_d             ? ? 
'X-RAY DIFFRACTION' ? 0.003  0.019  244 ? r_bond_other_d               ? ? 
'X-RAY DIFFRACTION' ? 1.739  1.219  790 ? r_angle_refined_deg          ? ? 
'X-RAY DIFFRACTION' ? 1.748  2.817  580 ? r_angle_other_deg            ? ? 
'X-RAY DIFFRACTION' ? ?      ?      ?   ? r_dihedral_angle_1_deg       ? ? 
'X-RAY DIFFRACTION' ? ?      ?      ?   ? r_dihedral_angle_2_deg       ? ? 
'X-RAY DIFFRACTION' ? ?      ?      ?   ? r_dihedral_angle_3_deg       ? ? 
'X-RAY DIFFRACTION' ? ?      ?      ?   ? r_dihedral_angle_4_deg       ? ? 
'X-RAY DIFFRACTION' ? 0.098  0.200  60  ? r_chiral_restr               ? ? 
'X-RAY DIFFRACTION' ? 0.017  0.020  280 ? r_gen_planes_refined         ? ? 
'X-RAY DIFFRACTION' ? 0.002  0.020  110 ? r_gen_planes_other           ? ? 
'X-RAY DIFFRACTION' ? ?      ?      ?   ? r_nbd_refined                ? ? 
'X-RAY DIFFRACTION' ? ?      ?      ?   ? r_nbd_other                  ? ? 
'X-RAY DIFFRACTION' ? ?      ?      ?   ? r_nbtor_refined              ? ? 
'X-RAY DIFFRACTION' ? ?      ?      ?   ? r_nbtor_other                ? ? 
'X-RAY DIFFRACTION' ? ?      ?      ?   ? r_xyhbond_nbd_refined        ? ? 
'X-RAY DIFFRACTION' ? ?      ?      ?   ? r_xyhbond_nbd_other          ? ? 
'X-RAY DIFFRACTION' ? ?      ?      ?   ? r_metal_ion_refined          ? ? 
'X-RAY DIFFRACTION' ? ?      ?      ?   ? r_metal_ion_other            ? ? 
'X-RAY DIFFRACTION' ? ?      ?      ?   ? r_symmetry_vdw_refined       ? ? 
'X-RAY DIFFRACTION' ? ?      ?      ?   ? r_symmetry_vdw_other         ? ? 
'X-RAY DIFFRACTION' ? ?      ?      ?   ? r_symmetry_hbond_refined     ? ? 
'X-RAY DIFFRACTION' ? ?      ?      ?   ? r_symmetry_hbond_other       ? ? 
'X-RAY DIFFRACTION' ? ?      ?      ?   ? r_symmetry_metal_ion_refined ? ? 
'X-RAY DIFFRACTION' ? ?      ?      ?   ? r_symmetry_metal_ion_other   ? ? 
'X-RAY DIFFRACTION' ? ?      ?      ?   ? r_mcbond_it                  ? ? 
'X-RAY DIFFRACTION' ? ?      ?      ?   ? r_mcbond_other               ? ? 
'X-RAY DIFFRACTION' ? ?      ?      ?   ? r_mcangle_it                 ? ? 
'X-RAY DIFFRACTION' ? ?      ?      ?   ? r_mcangle_other              ? ? 
'X-RAY DIFFRACTION' ? 7.553  7.002  514 ? r_scbond_it                  ? ? 
'X-RAY DIFFRACTION' ? 7.547  7.003  513 ? r_scbond_other               ? ? 
'X-RAY DIFFRACTION' ? ?      ?      ?   ? r_scangle_it                 ? ? 
'X-RAY DIFFRACTION' ? 9.479  10.479 791 ? r_scangle_other              ? ? 
'X-RAY DIFFRACTION' ? 11.612 68.819 712 ? r_long_range_B_refined       ? ? 
'X-RAY DIFFRACTION' ? 11.582 68.883 707 ? r_long_range_B_other         ? ? 
'X-RAY DIFFRACTION' ? ?      ?      ?   ? r_rigid_bond_restr           ? ? 
'X-RAY DIFFRACTION' ? ?      ?      ?   ? r_sphericity_free            ? ? 
'X-RAY DIFFRACTION' ? ?      ?      ?   ? r_sphericity_bonded          ? ? 
# 
_refine_ls_shell.pdbx_refine_id                   'X-RAY DIFFRACTION' 
_refine_ls_shell.d_res_high                       2.350 
_refine_ls_shell.d_res_low                        2.411 
_refine_ls_shell.number_reflns_all                ? 
_refine_ls_shell.number_reflns_obs                ? 
_refine_ls_shell.number_reflns_R_free             5 
_refine_ls_shell.number_reflns_R_work             203 
_refine_ls_shell.percent_reflns_obs               100.00 
_refine_ls_shell.percent_reflns_R_free            ? 
_refine_ls_shell.R_factor_all                     ? 
_refine_ls_shell.R_factor_obs                     ? 
_refine_ls_shell.R_factor_R_free                  0.284 
_refine_ls_shell.R_factor_R_free_error            ? 
_refine_ls_shell.R_factor_R_work                  0.225 
_refine_ls_shell.redundancy_reflns_all            ? 
_refine_ls_shell.redundancy_reflns_obs            ? 
_refine_ls_shell.wR_factor_all                    ? 
_refine_ls_shell.wR_factor_obs                    ? 
_refine_ls_shell.wR_factor_R_free                 ? 
_refine_ls_shell.wR_factor_R_work                 ? 
_refine_ls_shell.pdbx_total_number_of_bins_used   20 
_refine_ls_shell.pdbx_phase_error                 ? 
_refine_ls_shell.pdbx_fsc_work                    ? 
_refine_ls_shell.pdbx_fsc_free                    ? 
# 
_struct.entry_id                     5KTV 
_struct.title                        'Mis-pairing of unnatural base Z-G DNA duplex at pH 8.5' 
_struct.pdbx_model_details           ? 
_struct.pdbx_formula_weight          ? 
_struct.pdbx_formula_weight_method   ? 
_struct.pdbx_model_type_details      ? 
_struct.pdbx_CASP_flag               N 
# 
_struct_keywords.entry_id        5KTV 
_struct_keywords.text            'Unnatural DNA bases, synthetic biology, DNA' 
_struct_keywords.pdbx_keywords   DNA 
# 
loop_
_struct_asym.id 
_struct_asym.pdbx_blank_PDB_chainid_flag 
_struct_asym.pdbx_modified 
_struct_asym.entity_id 
_struct_asym.details 
A N N 1 ? 
B N N 1 ? 
C N N 2 ? 
D N N 2 ? 
E N N 2 ? 
F N N 2 ? 
G N N 2 ? 
H N N 2 ? 
I N N 2 ? 
J N N 2 ? 
K N N 2 ? 
L N N 3 ? 
M N N 3 ? 
# 
_struct_ref.id                         1 
_struct_ref.db_name                    PDB 
_struct_ref.db_code                    5KTV 
_struct_ref.pdbx_db_accession          5KTV 
_struct_ref.pdbx_db_isoform            ? 
_struct_ref.entity_id                  1 
_struct_ref.pdbx_seq_one_letter_code   ? 
_struct_ref.pdbx_align_begin           1 
# 
loop_
_struct_ref_seq.align_id 
_struct_ref_seq.ref_id 
_struct_ref_seq.pdbx_PDB_id_code 
_struct_ref_seq.pdbx_strand_id 
_struct_ref_seq.seq_align_beg 
_struct_ref_seq.pdbx_seq_align_beg_ins_code 
_struct_ref_seq.seq_align_end 
_struct_ref_seq.pdbx_seq_align_end_ins_code 
_struct_ref_seq.pdbx_db_accession 
_struct_ref_seq.db_align_beg 
_struct_ref_seq.pdbx_db_align_beg_ins_code 
_struct_ref_seq.db_align_end 
_struct_ref_seq.pdbx_db_align_end_ins_code 
_struct_ref_seq.pdbx_auth_seq_align_beg 
_struct_ref_seq.pdbx_auth_seq_align_end 
1 1 5KTV A 1 ? 12 ? 5KTV 1  ? 12 ? 1  12 
2 1 5KTV B 1 ? 12 ? 5KTV 13 ? 24 ? 13 24 
# 
_pdbx_struct_assembly.id                   1 
_pdbx_struct_assembly.details              author_and_software_defined_assembly 
_pdbx_struct_assembly.method_details       PISA 
_pdbx_struct_assembly.oligomeric_details   dimeric 
_pdbx_struct_assembly.oligomeric_count     2 
# 
loop_
_pdbx_struct_assembly_prop.biol_id 
_pdbx_struct_assembly_prop.type 
_pdbx_struct_assembly_prop.value 
_pdbx_struct_assembly_prop.details 
1 'ABSA (A^2)' 1410 ? 
1 MORE         -49  ? 
1 'SSA (A^2)'  4570 ? 
# 
_pdbx_struct_assembly_gen.assembly_id       1 
_pdbx_struct_assembly_gen.oper_expression   1 
_pdbx_struct_assembly_gen.asym_id_list      A,B,C,D,E,F,G,H,I,J,K,L,M 
# 
_pdbx_struct_oper_list.id                   1 
_pdbx_struct_oper_list.type                 'identity operation' 
_pdbx_struct_oper_list.name                 1_555 
_pdbx_struct_oper_list.symmetry_operation   x,y,z 
_pdbx_struct_oper_list.matrix[1][1]         1.0000000000 
_pdbx_struct_oper_list.matrix[1][2]         0.0000000000 
_pdbx_struct_oper_list.matrix[1][3]         0.0000000000 
_pdbx_struct_oper_list.vector[1]            0.0000000000 
_pdbx_struct_oper_list.matrix[2][1]         0.0000000000 
_pdbx_struct_oper_list.matrix[2][2]         1.0000000000 
_pdbx_struct_oper_list.matrix[2][3]         0.0000000000 
_pdbx_struct_oper_list.vector[2]            0.0000000000 
_pdbx_struct_oper_list.matrix[3][1]         0.0000000000 
_pdbx_struct_oper_list.matrix[3][2]         0.0000000000 
_pdbx_struct_oper_list.matrix[3][3]         1.0000000000 
_pdbx_struct_oper_list.vector[3]            0.0000000000 
# 
loop_
_struct_conn.id 
_struct_conn.conn_type_id 
_struct_conn.pdbx_leaving_atom_flag 
_struct_conn.pdbx_PDB_id 
_struct_conn.ptnr1_label_asym_id 
_struct_conn.ptnr1_label_comp_id 
_struct_conn.ptnr1_label_seq_id 
_struct_conn.ptnr1_label_atom_id 
_struct_conn.pdbx_ptnr1_label_alt_id 
_struct_conn.pdbx_ptnr1_PDB_ins_code 
_struct_conn.pdbx_ptnr1_standard_comp_id 
_struct_conn.ptnr1_symmetry 
_struct_conn.ptnr2_label_asym_id 
_struct_conn.ptnr2_label_comp_id 
_struct_conn.ptnr2_label_seq_id 
_struct_conn.ptnr2_label_atom_id 
_struct_conn.pdbx_ptnr2_label_alt_id 
_struct_conn.pdbx_ptnr2_PDB_ins_code 
_struct_conn.ptnr1_auth_asym_id 
_struct_conn.ptnr1_auth_comp_id 
_struct_conn.ptnr1_auth_seq_id 
_struct_conn.ptnr2_auth_asym_id 
_struct_conn.ptnr2_auth_comp_id 
_struct_conn.ptnr2_auth_seq_id 
_struct_conn.ptnr2_symmetry 
_struct_conn.pdbx_ptnr3_label_atom_id 
_struct_conn.pdbx_ptnr3_label_seq_id 
_struct_conn.pdbx_ptnr3_label_comp_id 
_struct_conn.pdbx_ptnr3_label_asym_id 
_struct_conn.pdbx_ptnr3_label_alt_id 
_struct_conn.pdbx_ptnr3_PDB_ins_code 
_struct_conn.details 
_struct_conn.pdbx_dist_value 
_struct_conn.pdbx_value_order 
_struct_conn.pdbx_role 
covale1  covale both ? A DT  8  "O3'" ? ? ? 1_555 A 1W5 9  P   ? ? A DT  8   A 1W5 9   1_555 ? ? ? ? ? ? ?            1.601 ? ? 
covale2  covale one  ? A 1W5 9  "O3'" ? ? ? 1_555 A DG  10 P   ? ? A 1W5 9   A DG  10  1_555 ? ? ? ? ? ? ?            1.599 ? ? 
covale3  covale both ? B DT  8  "O3'" ? ? ? 1_555 B 1W5 9  P   ? ? B DT  20  B 1W5 21  1_555 ? ? ? ? ? ? ?            1.628 ? ? 
covale4  covale one  ? B 1W5 9  "O3'" ? ? ? 1_555 B DG  10 P   ? ? B 1W5 21  B DG  22  1_555 ? ? ? ? ? ? ?            1.611 ? ? 
metalc1  metalc ?    ? A DG  10 OP2   ? ? ? 1_555 D CA  .  CA  ? ? A DG  10  A CA  102 1_555 ? ? ? ? ? ? ?            2.378 ? ? 
metalc2  metalc ?    ? A DG  12 OP2   ? ? ? 1_555 C CA  .  CA  ? ? A DG  12  A CA  101 1_555 ? ? ? ? ? ? ?            2.627 ? ? 
metalc3  metalc ?    ? A DG  12 OP1   ? ? ? 1_555 F CA  .  CA  ? ? A DG  12  A CA  104 1_555 ? ? ? ? ? ? ?            2.384 ? ? 
metalc4  metalc ?    ? F CA  .  CA    ? ? ? 8_764 B DG  12 OP1 ? ? A CA  104 B DG  24  1_555 ? ? ? ? ? ? ?            2.262 ? ? 
metalc5  metalc ?    ? F CA  .  CA    ? ? ? 7_554 B DG  12 O6  ? ? A CA  104 B DG  24  1_555 ? ? ? ? ? ? ?            2.127 ? ? 
metalc6  metalc ?    ? F CA  .  CA    ? ? ? 1_555 M HOH .  O   ? ? A CA  104 B HOH 201 4_445 ? ? ? ? ? ? ?            2.159 ? ? 
metalc7  metalc ?    ? F CA  .  CA    ? ? ? 1_555 M HOH .  O   ? ? A CA  104 B HOH 205 6_575 ? ? ? ? ? ? ?            1.895 ? ? 
metalc8  metalc ?    ? F CA  .  CA    ? ? ? 1_555 M HOH .  O   ? ? A CA  104 B HOH 207 4_445 ? ? ? ? ? ? ?            2.559 ? ? 
metalc9  metalc ?    ? G CA  .  CA    ? ? ? 1_555 M HOH .  O   ? ? A CA  105 B HOH 209 1_555 ? ? ? ? ? ? ?            2.859 ? ? 
metalc10 metalc ?    ? L HOH .  O     ? ? ? 1_555 K CA  .  CA  ? ? A HOH 201 B CA  104 1_555 ? ? ? ? ? ? ?            2.288 ? ? 
metalc11 metalc ?    ? B DA  5  OP1   ? ? ? 1_555 I CA  .  CA  ? ? B DA  17  B CA  102 1_555 ? ? ? ? ? ? ?            2.393 ? ? 
metalc12 metalc ?    ? B DA  5  OP1   ? ? ? 1_555 I CA  .  CA  ? ? B DA  17  B CA  102 3_675 ? ? ? ? ? ? ?            2.361 ? ? 
metalc13 metalc ?    ? H CA  .  CA    ? ? ? 1_555 M HOH .  O   ? ? B CA  101 B HOH 202 4_445 ? ? ? ? ? ? ?            2.184 ? ? 
metalc14 metalc ?    ? J CA  .  CA    ? ? ? 1_555 M HOH .  O   ? ? B CA  103 B HOH 210 1_555 ? ? ? ? ? ? ?            3.188 ? ? 
metalc15 metalc ?    ? J CA  .  CA    ? ? ? 1_555 M HOH .  O   ? ? B CA  103 B HOH 210 2_775 ? ? ? ? ? ? ?            3.153 ? ? 
metalc16 metalc ?    ? K CA  .  CA    ? ? ? 1_555 M HOH .  O   ? ? B CA  104 B HOH 203 1_555 ? ? ? ? ? ? ?            2.472 ? ? 
metalc17 metalc ?    ? K CA  .  CA    ? ? ? 1_555 M HOH .  O   ? ? B CA  104 B HOH 206 6_575 ? ? ? ? ? ? ?            2.604 ? ? 
metalc18 metalc ?    ? K CA  .  CA    ? ? ? 1_555 M HOH .  O   ? ? B CA  104 B HOH 208 6_575 ? ? ? ? ? ? ?            2.500 ? ? 
metalc19 metalc ?    ? K CA  .  CA    ? ? ? 1_555 M HOH .  O   ? ? B CA  104 B HOH 211 1_555 ? ? ? ? ? ? ?            2.483 ? ? 
metalc20 metalc ?    ? K CA  .  CA    ? ? ? 1_555 M HOH .  O   ? ? B CA  104 B HOH 212 1_555 ? ? ? ? ? ? ?            2.399 ? ? 
hydrog1  hydrog ?    ? A DG  2  N1    ? ? ? 1_555 B DC  11 N3  ? ? A DG  2   B DC  23  1_555 ? ? ? ? ? ? WATSON-CRICK ?     ? ? 
hydrog2  hydrog ?    ? A DG  2  N2    ? ? ? 1_555 B DC  11 O2  ? ? A DG  2   B DC  23  1_555 ? ? ? ? ? ? WATSON-CRICK ?     ? ? 
hydrog3  hydrog ?    ? A DG  2  O6    ? ? ? 1_555 B DC  11 N4  ? ? A DG  2   B DC  23  1_555 ? ? ? ? ? ? WATSON-CRICK ?     ? ? 
hydrog4  hydrog ?    ? A DC  3  N3    ? ? ? 1_555 B DG  10 N1  ? ? A DC  3   B DG  22  1_555 ? ? ? ? ? ? WATSON-CRICK ?     ? ? 
hydrog5  hydrog ?    ? A DC  3  N4    ? ? ? 1_555 B DG  10 O6  ? ? A DC  3   B DG  22  1_555 ? ? ? ? ? ? WATSON-CRICK ?     ? ? 
hydrog6  hydrog ?    ? A DC  3  O2    ? ? ? 1_555 B DG  10 N2  ? ? A DC  3   B DG  22  1_555 ? ? ? ? ? ? WATSON-CRICK ?     ? ? 
hydrog7  hydrog ?    ? A DA  5  N1    ? ? ? 1_555 B DT  8  N3  ? ? A DA  5   B DT  20  1_555 ? ? ? ? ? ? WATSON-CRICK ?     ? ? 
hydrog8  hydrog ?    ? A DA  5  N6    ? ? ? 1_555 B DT  8  O4  ? ? A DA  5   B DT  20  1_555 ? ? ? ? ? ? WATSON-CRICK ?     ? ? 
hydrog9  hydrog ?    ? A DA  6  N1    ? ? ? 1_555 B DT  7  N3  ? ? A DA  6   B DT  19  1_555 ? ? ? ? ? ? WATSON-CRICK ?     ? ? 
hydrog10 hydrog ?    ? A DA  6  N6    ? ? ? 1_555 B DT  7  O4  ? ? A DA  6   B DT  19  1_555 ? ? ? ? ? ? WATSON-CRICK ?     ? ? 
hydrog11 hydrog ?    ? A DT  7  N3    ? ? ? 1_555 B DA  6  N1  ? ? A DT  7   B DA  18  1_555 ? ? ? ? ? ? WATSON-CRICK ?     ? ? 
hydrog12 hydrog ?    ? A DT  7  O4    ? ? ? 1_555 B DA  6  N6  ? ? A DT  7   B DA  18  1_555 ? ? ? ? ? ? WATSON-CRICK ?     ? ? 
hydrog13 hydrog ?    ? A DT  8  N3    ? ? ? 1_555 B DA  5  N1  ? ? A DT  8   B DA  17  1_555 ? ? ? ? ? ? WATSON-CRICK ?     ? ? 
hydrog14 hydrog ?    ? A DT  8  O4    ? ? ? 1_555 B DA  5  N6  ? ? A DT  8   B DA  17  1_555 ? ? ? ? ? ? WATSON-CRICK ?     ? ? 
hydrog15 hydrog ?    ? A DG  10 N1    ? ? ? 1_555 B DC  3  N3  ? ? A DG  10  B DC  15  1_555 ? ? ? ? ? ? WATSON-CRICK ?     ? ? 
hydrog16 hydrog ?    ? A DG  10 N2    ? ? ? 1_555 B DC  3  O2  ? ? A DG  10  B DC  15  1_555 ? ? ? ? ? ? WATSON-CRICK ?     ? ? 
hydrog17 hydrog ?    ? A DG  10 O6    ? ? ? 1_555 B DC  3  N4  ? ? A DG  10  B DC  15  1_555 ? ? ? ? ? ? WATSON-CRICK ?     ? ? 
hydrog18 hydrog ?    ? A DC  11 N3    ? ? ? 1_555 B DG  2  N1  ? ? A DC  11  B DG  14  1_555 ? ? ? ? ? ? WATSON-CRICK ?     ? ? 
hydrog19 hydrog ?    ? A DC  11 N4    ? ? ? 1_555 B DG  2  O6  ? ? A DC  11  B DG  14  1_555 ? ? ? ? ? ? WATSON-CRICK ?     ? ? 
hydrog20 hydrog ?    ? A DC  11 O2    ? ? ? 1_555 B DG  2  N2  ? ? A DC  11  B DG  14  1_555 ? ? ? ? ? ? WATSON-CRICK ?     ? ? 
# 
loop_
_struct_conn_type.id 
_struct_conn_type.criteria 
_struct_conn_type.reference 
covale ? ? 
metalc ? ? 
hydrog ? ? 
# 
loop_
_pdbx_struct_conn_angle.id 
_pdbx_struct_conn_angle.ptnr1_label_atom_id 
_pdbx_struct_conn_angle.ptnr1_label_alt_id 
_pdbx_struct_conn_angle.ptnr1_label_asym_id 
_pdbx_struct_conn_angle.ptnr1_label_comp_id 
_pdbx_struct_conn_angle.ptnr1_label_seq_id 
_pdbx_struct_conn_angle.ptnr1_auth_atom_id 
_pdbx_struct_conn_angle.ptnr1_auth_asym_id 
_pdbx_struct_conn_angle.ptnr1_auth_comp_id 
_pdbx_struct_conn_angle.ptnr1_auth_seq_id 
_pdbx_struct_conn_angle.ptnr1_PDB_ins_code 
_pdbx_struct_conn_angle.ptnr1_symmetry 
_pdbx_struct_conn_angle.ptnr2_label_atom_id 
_pdbx_struct_conn_angle.ptnr2_label_alt_id 
_pdbx_struct_conn_angle.ptnr2_label_asym_id 
_pdbx_struct_conn_angle.ptnr2_label_comp_id 
_pdbx_struct_conn_angle.ptnr2_label_seq_id 
_pdbx_struct_conn_angle.ptnr2_auth_atom_id 
_pdbx_struct_conn_angle.ptnr2_auth_asym_id 
_pdbx_struct_conn_angle.ptnr2_auth_comp_id 
_pdbx_struct_conn_angle.ptnr2_auth_seq_id 
_pdbx_struct_conn_angle.ptnr2_PDB_ins_code 
_pdbx_struct_conn_angle.ptnr2_symmetry 
_pdbx_struct_conn_angle.ptnr3_label_atom_id 
_pdbx_struct_conn_angle.ptnr3_label_alt_id 
_pdbx_struct_conn_angle.ptnr3_label_asym_id 
_pdbx_struct_conn_angle.ptnr3_label_comp_id 
_pdbx_struct_conn_angle.ptnr3_label_seq_id 
_pdbx_struct_conn_angle.ptnr3_auth_atom_id 
_pdbx_struct_conn_angle.ptnr3_auth_asym_id 
_pdbx_struct_conn_angle.ptnr3_auth_comp_id 
_pdbx_struct_conn_angle.ptnr3_auth_seq_id 
_pdbx_struct_conn_angle.ptnr3_PDB_ins_code 
_pdbx_struct_conn_angle.ptnr3_symmetry 
_pdbx_struct_conn_angle.value 
_pdbx_struct_conn_angle.value_esd 
1  OP1 ? A DG  12 ? A DG  12  ? 1_555 CA ? F CA . ? A CA 104 ? 1_555 OP1 ? B DG  12 ? B DG  24  ? 1_555 111.0 ? 
2  OP1 ? A DG  12 ? A DG  12  ? 1_555 CA ? F CA . ? A CA 104 ? 1_555 O6  ? B DG  12 ? B DG  24  ? 1_555 102.5 ? 
3  OP1 ? B DG  12 ? B DG  24  ? 1_555 CA ? F CA . ? A CA 104 ? 1_555 O6  ? B DG  12 ? B DG  24  ? 1_555 9.9   ? 
4  OP1 ? A DG  12 ? A DG  12  ? 1_555 CA ? F CA . ? A CA 104 ? 1_555 O   ? M HOH .  ? B HOH 201 ? 4_445 86.4  ? 
5  OP1 ? B DG  12 ? B DG  24  ? 1_555 CA ? F CA . ? A CA 104 ? 1_555 O   ? M HOH .  ? B HOH 201 ? 4_445 157.6 ? 
6  O6  ? B DG  12 ? B DG  24  ? 1_555 CA ? F CA . ? A CA 104 ? 1_555 O   ? M HOH .  ? B HOH 201 ? 4_445 158.4 ? 
7  OP1 ? A DG  12 ? A DG  12  ? 1_555 CA ? F CA . ? A CA 104 ? 1_555 O   ? M HOH .  ? B HOH 205 ? 6_575 92.6  ? 
8  OP1 ? B DG  12 ? B DG  24  ? 1_555 CA ? F CA . ? A CA 104 ? 1_555 O   ? M HOH .  ? B HOH 205 ? 6_575 113.2 ? 
9  O6  ? B DG  12 ? B DG  24  ? 1_555 CA ? F CA . ? A CA 104 ? 1_555 O   ? M HOH .  ? B HOH 205 ? 6_575 120.0 ? 
10 O   ? M HOH .  ? B HOH 201 ? 4_445 CA ? F CA . ? A CA 104 ? 1_555 O   ? M HOH .  ? B HOH 205 ? 6_575 78.5  ? 
11 OP1 ? A DG  12 ? A DG  12  ? 1_555 CA ? F CA . ? A CA 104 ? 1_555 O   ? M HOH .  ? B HOH 207 ? 4_445 93.5  ? 
12 OP1 ? B DG  12 ? B DG  24  ? 1_555 CA ? F CA . ? A CA 104 ? 1_555 O   ? M HOH .  ? B HOH 207 ? 4_445 71.4  ? 
13 O6  ? B DG  12 ? B DG  24  ? 1_555 CA ? F CA . ? A CA 104 ? 1_555 O   ? M HOH .  ? B HOH 207 ? 4_445 65.8  ? 
14 O   ? M HOH .  ? B HOH 201 ? 4_445 CA ? F CA . ? A CA 104 ? 1_555 O   ? M HOH .  ? B HOH 207 ? 4_445 94.4  ? 
15 O   ? M HOH .  ? B HOH 205 ? 6_575 CA ? F CA . ? A CA 104 ? 1_555 O   ? M HOH .  ? B HOH 207 ? 4_445 170.3 ? 
16 O   ? L HOH .  ? A HOH 201 ? 1_555 CA ? K CA . ? B CA 104 ? 1_555 O   ? M HOH .  ? B HOH 203 ? 1_555 90.2  ? 
17 O   ? L HOH .  ? A HOH 201 ? 1_555 CA ? K CA . ? B CA 104 ? 1_555 O   ? M HOH .  ? B HOH 206 ? 6_575 88.5  ? 
18 O   ? M HOH .  ? B HOH 203 ? 1_555 CA ? K CA . ? B CA 104 ? 1_555 O   ? M HOH .  ? B HOH 206 ? 6_575 74.1  ? 
19 O   ? L HOH .  ? A HOH 201 ? 1_555 CA ? K CA . ? B CA 104 ? 1_555 O   ? M HOH .  ? B HOH 208 ? 6_575 79.7  ? 
20 O   ? M HOH .  ? B HOH 203 ? 1_555 CA ? K CA . ? B CA 104 ? 1_555 O   ? M HOH .  ? B HOH 208 ? 6_575 145.2 ? 
21 O   ? M HOH .  ? B HOH 206 ? 6_575 CA ? K CA . ? B CA 104 ? 1_555 O   ? M HOH .  ? B HOH 208 ? 6_575 72.4  ? 
22 O   ? L HOH .  ? A HOH 201 ? 1_555 CA ? K CA . ? B CA 104 ? 1_555 O   ? M HOH .  ? B HOH 211 ? 1_555 92.5  ? 
23 O   ? M HOH .  ? B HOH 203 ? 1_555 CA ? K CA . ? B CA 104 ? 1_555 O   ? M HOH .  ? B HOH 211 ? 1_555 83.9  ? 
24 O   ? M HOH .  ? B HOH 206 ? 6_575 CA ? K CA . ? B CA 104 ? 1_555 O   ? M HOH .  ? B HOH 211 ? 1_555 158.0 ? 
25 O   ? M HOH .  ? B HOH 208 ? 6_575 CA ? K CA . ? B CA 104 ? 1_555 O   ? M HOH .  ? B HOH 211 ? 1_555 129.3 ? 
26 O   ? L HOH .  ? A HOH 201 ? 1_555 CA ? K CA . ? B CA 104 ? 1_555 O   ? M HOH .  ? B HOH 212 ? 1_555 174.4 ? 
27 O   ? M HOH .  ? B HOH 203 ? 1_555 CA ? K CA . ? B CA 104 ? 1_555 O   ? M HOH .  ? B HOH 212 ? 1_555 95.5  ? 
28 O   ? M HOH .  ? B HOH 206 ? 6_575 CA ? K CA . ? B CA 104 ? 1_555 O   ? M HOH .  ? B HOH 212 ? 1_555 93.1  ? 
29 O   ? M HOH .  ? B HOH 208 ? 6_575 CA ? K CA . ? B CA 104 ? 1_555 O   ? M HOH .  ? B HOH 212 ? 1_555 95.7  ? 
30 O   ? M HOH .  ? B HOH 211 ? 1_555 CA ? K CA . ? B CA 104 ? 1_555 O   ? M HOH .  ? B HOH 212 ? 1_555 88.0  ? 
31 OP1 ? B DA  5  ? B DA  17  ? 1_555 CA ? I CA . ? B CA 102 ? 1_555 OP1 ? B DA  5  ? B DA  17  ? 1_555 0.0   ? 
32 O   ? M HOH .  ? B HOH 210 ? 1_555 CA ? J CA . ? B CA 103 ? 1_555 O   ? M HOH .  ? B HOH 210 ? 2_775 76.4  ? 
# 
loop_
_struct_site.id 
_struct_site.pdbx_evidence_code 
_struct_site.pdbx_auth_asym_id 
_struct_site.pdbx_auth_comp_id 
_struct_site.pdbx_auth_seq_id 
_struct_site.pdbx_auth_ins_code 
_struct_site.pdbx_num_residues 
_struct_site.details 
AC1 Software A CA  101 ? 1 'binding site for residue CA A 101'                   
AC2 Software A CA  102 ? 2 'binding site for residue CA A 102'                   
AC3 Software A CA  103 ? 3 'binding site for residue CA A 103'                   
AC4 Software A CA  104 ? 6 'binding site for residue CA A 104'                   
AC5 Software A CA  105 ? 1 'binding site for residue CA A 105'                   
AC6 Software B CA  101 ? 6 'binding site for residue CA B 101'                   
AC7 Software B CA  102 ? 3 'binding site for residue CA B 102'                   
AC8 Software B CA  104 ? 6 'binding site for residue CA B 104'                   
AC9 Software B DT  20  ? 6 'binding site for Di-nucleotide DT B 20 and 1W5 B 21' 
AD1 Software B 1W5 21  ? 6 'binding site for Di-nucleotide 1W5 B 21 and DG B 22' 
# 
loop_
_struct_site_gen.id 
_struct_site_gen.site_id 
_struct_site_gen.pdbx_num_res 
_struct_site_gen.label_comp_id 
_struct_site_gen.label_asym_id 
_struct_site_gen.label_seq_id 
_struct_site_gen.pdbx_auth_ins_code 
_struct_site_gen.auth_comp_id 
_struct_site_gen.auth_asym_id 
_struct_site_gen.auth_seq_id 
_struct_site_gen.label_atom_id 
_struct_site_gen.label_alt_id 
_struct_site_gen.symmetry 
_struct_site_gen.details 
1  AC1 1 DG  A 12 ? DG  A 12  . ? 1_555 ? 
2  AC2 2 1W5 A 9  ? 1W5 A 9   . ? 1_555 ? 
3  AC2 2 DG  A 10 ? DG  A 10  . ? 1_555 ? 
4  AC3 3 DC  A 3  ? DC  A 3   . ? 1_555 ? 
5  AC3 3 DC  A 3  ? DC  A 3   . ? 2_765 ? 
6  AC3 3 DC  A 3  ? DC  A 3   . ? 3_675 ? 
7  AC4 6 DG  A 12 ? DG  A 12  . ? 1_555 ? 
8  AC4 6 DG  B 12 ? DG  B 24  . ? 6_575 ? 
9  AC4 6 DG  B 12 ? DG  B 24  . ? 4_445 ? 
10 AC4 6 HOH M .  ? HOH B 201 . ? 4_445 ? 
11 AC4 6 HOH M .  ? HOH B 205 . ? 6_575 ? 
12 AC4 6 HOH M .  ? HOH B 207 . ? 4_445 ? 
13 AC5 1 HOH M .  ? HOH B 209 . ? 1_555 ? 
14 AC6 6 DG  B 12 ? DG  B 24  . ? 4_445 ? 
15 AC6 6 DG  B 12 ? DG  B 24  . ? 5_765 ? 
16 AC6 6 DG  B 12 ? DG  B 24  . ? 6_575 ? 
17 AC6 6 HOH M .  ? HOH B 202 . ? 5_765 ? 
18 AC6 6 HOH M .  ? HOH B 202 . ? 6_575 ? 
19 AC6 6 HOH M .  ? HOH B 202 . ? 4_445 ? 
20 AC7 3 DA  B 5  ? DA  B 17  . ? 2_765 ? 
21 AC7 3 DA  B 5  ? DA  B 17  . ? 1_555 ? 
22 AC7 3 DA  B 5  ? DA  B 17  . ? 3_675 ? 
23 AC8 6 HOH L .  ? HOH A 201 . ? 1_555 ? 
24 AC8 6 HOH M .  ? HOH B 203 . ? 1_555 ? 
25 AC8 6 HOH M .  ? HOH B 206 . ? 6_575 ? 
26 AC8 6 HOH M .  ? HOH B 208 . ? 6_575 ? 
27 AC8 6 HOH M .  ? HOH B 211 . ? 1_555 ? 
28 AC8 6 HOH M .  ? HOH B 212 . ? 1_555 ? 
29 AC9 6 DC  A 3  ? DC  A 3   . ? 1_555 ? 
30 AC9 6 DG  A 4  ? DG  A 4   . ? 1_555 ? 
31 AC9 6 DA  A 5  ? DA  A 5   . ? 1_555 ? 
32 AC9 6 DA  A 6  ? DA  A 6   . ? 1_555 ? 
33 AC9 6 DT  B 7  ? DT  B 19  . ? 1_555 ? 
34 AC9 6 DG  B 10 ? DG  B 22  . ? 1_555 ? 
35 AD1 6 DG  A 2  ? DG  A 2   . ? 1_555 ? 
36 AD1 6 DC  A 3  ? DC  A 3   . ? 1_555 ? 
37 AD1 6 DG  A 4  ? DG  A 4   . ? 1_555 ? 
38 AD1 6 DG  A 12 ? DG  A 12  . ? 8_764 ? 
39 AD1 6 DT  B 8  ? DT  B 20  . ? 1_555 ? 
40 AD1 6 DC  B 11 ? DC  B 23  . ? 1_555 ? 
# 
_pdbx_validate_close_contact.id               1 
_pdbx_validate_close_contact.PDB_model_num    1 
_pdbx_validate_close_contact.auth_atom_id_1   OP2 
_pdbx_validate_close_contact.auth_asym_id_1   B 
_pdbx_validate_close_contact.auth_comp_id_1   DC 
_pdbx_validate_close_contact.auth_seq_id_1    23 
_pdbx_validate_close_contact.PDB_ins_code_1   ? 
_pdbx_validate_close_contact.label_alt_id_1   ? 
_pdbx_validate_close_contact.auth_atom_id_2   O 
_pdbx_validate_close_contact.auth_asym_id_2   B 
_pdbx_validate_close_contact.auth_comp_id_2   HOH 
_pdbx_validate_close_contact.auth_seq_id_2    201 
_pdbx_validate_close_contact.PDB_ins_code_2   ? 
_pdbx_validate_close_contact.label_alt_id_2   ? 
_pdbx_validate_close_contact.dist             1.90 
# 
loop_
_pdbx_struct_special_symmetry.id 
_pdbx_struct_special_symmetry.PDB_model_num 
_pdbx_struct_special_symmetry.auth_asym_id 
_pdbx_struct_special_symmetry.auth_comp_id 
_pdbx_struct_special_symmetry.auth_seq_id 
_pdbx_struct_special_symmetry.PDB_ins_code 
_pdbx_struct_special_symmetry.label_asym_id 
_pdbx_struct_special_symmetry.label_comp_id 
_pdbx_struct_special_symmetry.label_seq_id 
1 1 A CA 103 ? E CA . 
2 1 B CA 101 ? H CA . 
3 1 B CA 102 ? I CA . 
4 1 B CA 103 ? J CA . 
# 
loop_
_pdbx_unobs_or_zero_occ_residues.id 
_pdbx_unobs_or_zero_occ_residues.PDB_model_num 
_pdbx_unobs_or_zero_occ_residues.polymer_flag 
_pdbx_unobs_or_zero_occ_residues.occupancy_flag 
_pdbx_unobs_or_zero_occ_residues.auth_asym_id 
_pdbx_unobs_or_zero_occ_residues.auth_comp_id 
_pdbx_unobs_or_zero_occ_residues.auth_seq_id 
_pdbx_unobs_or_zero_occ_residues.PDB_ins_code 
_pdbx_unobs_or_zero_occ_residues.label_asym_id 
_pdbx_unobs_or_zero_occ_residues.label_comp_id 
_pdbx_unobs_or_zero_occ_residues.label_seq_id 
1 1 Y 1 A DC 1  ? A DC 1 
2 1 Y 1 B DC 13 ? B DC 1 
# 
loop_
_chem_comp_atom.comp_id 
_chem_comp_atom.atom_id 
_chem_comp_atom.type_symbol 
_chem_comp_atom.pdbx_aromatic_flag 
_chem_comp_atom.pdbx_stereo_config 
_chem_comp_atom.pdbx_ordinal 
1W5 N      N  N N 1   
1W5 P      P  N N 2   
1W5 C1     C  Y N 3   
1W5 C2     C  Y N 4   
1W5 O2     O  N N 5   
1W5 N3     N  Y N 6   
1W5 C4     C  Y N 7   
1W5 N4     N  N N 8   
1W5 C5     C  Y N 9   
1W5 C6     C  Y N 10  
1W5 "C1'"  C  N R 11  
1W5 "C2'"  C  N N 12  
1W5 "C3'"  C  N S 13  
1W5 "O3'"  O  N N 14  
1W5 "C4'"  C  N R 15  
1W5 "O4'"  O  N N 16  
1W5 "C5'"  C  N N 17  
1W5 "O5'"  O  N N 18  
1W5 ON1    O  N N 19  
1W5 ON2    O  N N 20  
1W5 OP1    O  N N 21  
1W5 OP2    O  N N 22  
1W5 OP3    O  N N 23  
1W5 H1     H  N N 24  
1W5 H2     H  N N 25  
1W5 H4     H  N N 26  
1W5 H5     H  N N 27  
1W5 H6     H  N N 28  
1W5 H7     H  N N 29  
1W5 H8     H  N N 30  
1W5 H9     H  N N 31  
1W5 H10    H  N N 32  
1W5 H11    H  N N 33  
1W5 H12    H  N N 34  
1W5 HOP1   H  N N 35  
1W5 HOP3   H  N N 36  
1W5 H15    H  N N 37  
CA  CA     CA N N 38  
DA  OP3    O  N N 39  
DA  P      P  N N 40  
DA  OP1    O  N N 41  
DA  OP2    O  N N 42  
DA  "O5'"  O  N N 43  
DA  "C5'"  C  N N 44  
DA  "C4'"  C  N R 45  
DA  "O4'"  O  N N 46  
DA  "C3'"  C  N S 47  
DA  "O3'"  O  N N 48  
DA  "C2'"  C  N N 49  
DA  "C1'"  C  N R 50  
DA  N9     N  Y N 51  
DA  C8     C  Y N 52  
DA  N7     N  Y N 53  
DA  C5     C  Y N 54  
DA  C6     C  Y N 55  
DA  N6     N  N N 56  
DA  N1     N  Y N 57  
DA  C2     C  Y N 58  
DA  N3     N  Y N 59  
DA  C4     C  Y N 60  
DA  HOP3   H  N N 61  
DA  HOP2   H  N N 62  
DA  "H5'"  H  N N 63  
DA  "H5''" H  N N 64  
DA  "H4'"  H  N N 65  
DA  "H3'"  H  N N 66  
DA  "HO3'" H  N N 67  
DA  "H2'"  H  N N 68  
DA  "H2''" H  N N 69  
DA  "H1'"  H  N N 70  
DA  H8     H  N N 71  
DA  H61    H  N N 72  
DA  H62    H  N N 73  
DA  H2     H  N N 74  
DC  OP3    O  N N 75  
DC  P      P  N N 76  
DC  OP1    O  N N 77  
DC  OP2    O  N N 78  
DC  "O5'"  O  N N 79  
DC  "C5'"  C  N N 80  
DC  "C4'"  C  N R 81  
DC  "O4'"  O  N N 82  
DC  "C3'"  C  N S 83  
DC  "O3'"  O  N N 84  
DC  "C2'"  C  N N 85  
DC  "C1'"  C  N R 86  
DC  N1     N  N N 87  
DC  C2     C  N N 88  
DC  O2     O  N N 89  
DC  N3     N  N N 90  
DC  C4     C  N N 91  
DC  N4     N  N N 92  
DC  C5     C  N N 93  
DC  C6     C  N N 94  
DC  HOP3   H  N N 95  
DC  HOP2   H  N N 96  
DC  "H5'"  H  N N 97  
DC  "H5''" H  N N 98  
DC  "H4'"  H  N N 99  
DC  "H3'"  H  N N 100 
DC  "HO3'" H  N N 101 
DC  "H2'"  H  N N 102 
DC  "H2''" H  N N 103 
DC  "H1'"  H  N N 104 
DC  H41    H  N N 105 
DC  H42    H  N N 106 
DC  H5     H  N N 107 
DC  H6     H  N N 108 
DG  OP3    O  N N 109 
DG  P      P  N N 110 
DG  OP1    O  N N 111 
DG  OP2    O  N N 112 
DG  "O5'"  O  N N 113 
DG  "C5'"  C  N N 114 
DG  "C4'"  C  N R 115 
DG  "O4'"  O  N N 116 
DG  "C3'"  C  N S 117 
DG  "O3'"  O  N N 118 
DG  "C2'"  C  N N 119 
DG  "C1'"  C  N R 120 
DG  N9     N  Y N 121 
DG  C8     C  Y N 122 
DG  N7     N  Y N 123 
DG  C5     C  Y N 124 
DG  C6     C  N N 125 
DG  O6     O  N N 126 
DG  N1     N  N N 127 
DG  C2     C  N N 128 
DG  N2     N  N N 129 
DG  N3     N  N N 130 
DG  C4     C  Y N 131 
DG  HOP3   H  N N 132 
DG  HOP2   H  N N 133 
DG  "H5'"  H  N N 134 
DG  "H5''" H  N N 135 
DG  "H4'"  H  N N 136 
DG  "H3'"  H  N N 137 
DG  "HO3'" H  N N 138 
DG  "H2'"  H  N N 139 
DG  "H2''" H  N N 140 
DG  "H1'"  H  N N 141 
DG  H8     H  N N 142 
DG  H1     H  N N 143 
DG  H21    H  N N 144 
DG  H22    H  N N 145 
DT  OP3    O  N N 146 
DT  P      P  N N 147 
DT  OP1    O  N N 148 
DT  OP2    O  N N 149 
DT  "O5'"  O  N N 150 
DT  "C5'"  C  N N 151 
DT  "C4'"  C  N R 152 
DT  "O4'"  O  N N 153 
DT  "C3'"  C  N S 154 
DT  "O3'"  O  N N 155 
DT  "C2'"  C  N N 156 
DT  "C1'"  C  N R 157 
DT  N1     N  N N 158 
DT  C2     C  N N 159 
DT  O2     O  N N 160 
DT  N3     N  N N 161 
DT  C4     C  N N 162 
DT  O4     O  N N 163 
DT  C5     C  N N 164 
DT  C7     C  N N 165 
DT  C6     C  N N 166 
DT  HOP3   H  N N 167 
DT  HOP2   H  N N 168 
DT  "H5'"  H  N N 169 
DT  "H5''" H  N N 170 
DT  "H4'"  H  N N 171 
DT  "H3'"  H  N N 172 
DT  "HO3'" H  N N 173 
DT  "H2'"  H  N N 174 
DT  "H2''" H  N N 175 
DT  "H1'"  H  N N 176 
DT  H3     H  N N 177 
DT  H71    H  N N 178 
DT  H72    H  N N 179 
DT  H73    H  N N 180 
DT  H6     H  N N 181 
HOH O      O  N N 182 
HOH H1     H  N N 183 
HOH H2     H  N N 184 
# 
loop_
_chem_comp_bond.comp_id 
_chem_comp_bond.atom_id_1 
_chem_comp_bond.atom_id_2 
_chem_comp_bond.value_order 
_chem_comp_bond.pdbx_aromatic_flag 
_chem_comp_bond.pdbx_stereo_config 
_chem_comp_bond.pdbx_ordinal 
1W5 "O3'" "C3'"  sing N N 1   
1W5 N4    C4     sing N N 2   
1W5 "C3'" "C2'"  sing N N 3   
1W5 "C3'" "C4'"  sing N N 4   
1W5 "C2'" "C1'"  sing N N 5   
1W5 N3    C4     doub Y N 6   
1W5 N3    C2     sing Y N 7   
1W5 O2    C2     sing N N 8   
1W5 C4    C5     sing Y N 9   
1W5 C2    C1     doub Y N 10  
1W5 ON1   N      doub N N 11  
1W5 C5    N      sing N N 12  
1W5 C5    C6     doub Y N 13  
1W5 C1    C6     sing Y N 14  
1W5 C1    "C1'"  sing N N 15  
1W5 N     ON2    sing N N 16  
1W5 OP2   P      doub N N 17  
1W5 "C1'" "O4'"  sing N N 18  
1W5 "O5'" P      sing N N 19  
1W5 "O5'" "C5'"  sing N N 20  
1W5 "C4'" "C5'"  sing N N 21  
1W5 "C4'" "O4'"  sing N N 22  
1W5 P     OP1    sing N N 23  
1W5 P     OP3    sing N N 24  
1W5 N4    H1     sing N N 25  
1W5 N4    H2     sing N N 26  
1W5 C6    H4     sing N N 27  
1W5 "C1'" H5     sing N N 28  
1W5 "C2'" H6     sing N N 29  
1W5 "C2'" H7     sing N N 30  
1W5 "C3'" H8     sing N N 31  
1W5 "O3'" H9     sing N N 32  
1W5 "C4'" H10    sing N N 33  
1W5 "C5'" H11    sing N N 34  
1W5 "C5'" H12    sing N N 35  
1W5 OP1   HOP1   sing N N 36  
1W5 OP3   HOP3   sing N N 37  
1W5 O2    H15    sing N N 38  
DA  OP3   P      sing N N 39  
DA  OP3   HOP3   sing N N 40  
DA  P     OP1    doub N N 41  
DA  P     OP2    sing N N 42  
DA  P     "O5'"  sing N N 43  
DA  OP2   HOP2   sing N N 44  
DA  "O5'" "C5'"  sing N N 45  
DA  "C5'" "C4'"  sing N N 46  
DA  "C5'" "H5'"  sing N N 47  
DA  "C5'" "H5''" sing N N 48  
DA  "C4'" "O4'"  sing N N 49  
DA  "C4'" "C3'"  sing N N 50  
DA  "C4'" "H4'"  sing N N 51  
DA  "O4'" "C1'"  sing N N 52  
DA  "C3'" "O3'"  sing N N 53  
DA  "C3'" "C2'"  sing N N 54  
DA  "C3'" "H3'"  sing N N 55  
DA  "O3'" "HO3'" sing N N 56  
DA  "C2'" "C1'"  sing N N 57  
DA  "C2'" "H2'"  sing N N 58  
DA  "C2'" "H2''" sing N N 59  
DA  "C1'" N9     sing N N 60  
DA  "C1'" "H1'"  sing N N 61  
DA  N9    C8     sing Y N 62  
DA  N9    C4     sing Y N 63  
DA  C8    N7     doub Y N 64  
DA  C8    H8     sing N N 65  
DA  N7    C5     sing Y N 66  
DA  C5    C6     sing Y N 67  
DA  C5    C4     doub Y N 68  
DA  C6    N6     sing N N 69  
DA  C6    N1     doub Y N 70  
DA  N6    H61    sing N N 71  
DA  N6    H62    sing N N 72  
DA  N1    C2     sing Y N 73  
DA  C2    N3     doub Y N 74  
DA  C2    H2     sing N N 75  
DA  N3    C4     sing Y N 76  
DC  OP3   P      sing N N 77  
DC  OP3   HOP3   sing N N 78  
DC  P     OP1    doub N N 79  
DC  P     OP2    sing N N 80  
DC  P     "O5'"  sing N N 81  
DC  OP2   HOP2   sing N N 82  
DC  "O5'" "C5'"  sing N N 83  
DC  "C5'" "C4'"  sing N N 84  
DC  "C5'" "H5'"  sing N N 85  
DC  "C5'" "H5''" sing N N 86  
DC  "C4'" "O4'"  sing N N 87  
DC  "C4'" "C3'"  sing N N 88  
DC  "C4'" "H4'"  sing N N 89  
DC  "O4'" "C1'"  sing N N 90  
DC  "C3'" "O3'"  sing N N 91  
DC  "C3'" "C2'"  sing N N 92  
DC  "C3'" "H3'"  sing N N 93  
DC  "O3'" "HO3'" sing N N 94  
DC  "C2'" "C1'"  sing N N 95  
DC  "C2'" "H2'"  sing N N 96  
DC  "C2'" "H2''" sing N N 97  
DC  "C1'" N1     sing N N 98  
DC  "C1'" "H1'"  sing N N 99  
DC  N1    C2     sing N N 100 
DC  N1    C6     sing N N 101 
DC  C2    O2     doub N N 102 
DC  C2    N3     sing N N 103 
DC  N3    C4     doub N N 104 
DC  C4    N4     sing N N 105 
DC  C4    C5     sing N N 106 
DC  N4    H41    sing N N 107 
DC  N4    H42    sing N N 108 
DC  C5    C6     doub N N 109 
DC  C5    H5     sing N N 110 
DC  C6    H6     sing N N 111 
DG  OP3   P      sing N N 112 
DG  OP3   HOP3   sing N N 113 
DG  P     OP1    doub N N 114 
DG  P     OP2    sing N N 115 
DG  P     "O5'"  sing N N 116 
DG  OP2   HOP2   sing N N 117 
DG  "O5'" "C5'"  sing N N 118 
DG  "C5'" "C4'"  sing N N 119 
DG  "C5'" "H5'"  sing N N 120 
DG  "C5'" "H5''" sing N N 121 
DG  "C4'" "O4'"  sing N N 122 
DG  "C4'" "C3'"  sing N N 123 
DG  "C4'" "H4'"  sing N N 124 
DG  "O4'" "C1'"  sing N N 125 
DG  "C3'" "O3'"  sing N N 126 
DG  "C3'" "C2'"  sing N N 127 
DG  "C3'" "H3'"  sing N N 128 
DG  "O3'" "HO3'" sing N N 129 
DG  "C2'" "C1'"  sing N N 130 
DG  "C2'" "H2'"  sing N N 131 
DG  "C2'" "H2''" sing N N 132 
DG  "C1'" N9     sing N N 133 
DG  "C1'" "H1'"  sing N N 134 
DG  N9    C8     sing Y N 135 
DG  N9    C4     sing Y N 136 
DG  C8    N7     doub Y N 137 
DG  C8    H8     sing N N 138 
DG  N7    C5     sing Y N 139 
DG  C5    C6     sing N N 140 
DG  C5    C4     doub Y N 141 
DG  C6    O6     doub N N 142 
DG  C6    N1     sing N N 143 
DG  N1    C2     sing N N 144 
DG  N1    H1     sing N N 145 
DG  C2    N2     sing N N 146 
DG  C2    N3     doub N N 147 
DG  N2    H21    sing N N 148 
DG  N2    H22    sing N N 149 
DG  N3    C4     sing N N 150 
DT  OP3   P      sing N N 151 
DT  OP3   HOP3   sing N N 152 
DT  P     OP1    doub N N 153 
DT  P     OP2    sing N N 154 
DT  P     "O5'"  sing N N 155 
DT  OP2   HOP2   sing N N 156 
DT  "O5'" "C5'"  sing N N 157 
DT  "C5'" "C4'"  sing N N 158 
DT  "C5'" "H5'"  sing N N 159 
DT  "C5'" "H5''" sing N N 160 
DT  "C4'" "O4'"  sing N N 161 
DT  "C4'" "C3'"  sing N N 162 
DT  "C4'" "H4'"  sing N N 163 
DT  "O4'" "C1'"  sing N N 164 
DT  "C3'" "O3'"  sing N N 165 
DT  "C3'" "C2'"  sing N N 166 
DT  "C3'" "H3'"  sing N N 167 
DT  "O3'" "HO3'" sing N N 168 
DT  "C2'" "C1'"  sing N N 169 
DT  "C2'" "H2'"  sing N N 170 
DT  "C2'" "H2''" sing N N 171 
DT  "C1'" N1     sing N N 172 
DT  "C1'" "H1'"  sing N N 173 
DT  N1    C2     sing N N 174 
DT  N1    C6     sing N N 175 
DT  C2    O2     doub N N 176 
DT  C2    N3     sing N N 177 
DT  N3    C4     sing N N 178 
DT  N3    H3     sing N N 179 
DT  C4    O4     doub N N 180 
DT  C4    C5     sing N N 181 
DT  C5    C7     sing N N 182 
DT  C5    C6     doub N N 183 
DT  C7    H71    sing N N 184 
DT  C7    H72    sing N N 185 
DT  C7    H73    sing N N 186 
DT  C6    H6     sing N N 187 
HOH O     H1     sing N N 188 
HOH O     H2     sing N N 189 
# 
loop_
_ndb_struct_conf_na.entry_id 
_ndb_struct_conf_na.feature 
5KTV 'double helix'        
5KTV 'b-form double helix' 
# 
loop_
_ndb_struct_na_base_pair.model_number 
_ndb_struct_na_base_pair.i_label_asym_id 
_ndb_struct_na_base_pair.i_label_comp_id 
_ndb_struct_na_base_pair.i_label_seq_id 
_ndb_struct_na_base_pair.i_symmetry 
_ndb_struct_na_base_pair.j_label_asym_id 
_ndb_struct_na_base_pair.j_label_comp_id 
_ndb_struct_na_base_pair.j_label_seq_id 
_ndb_struct_na_base_pair.j_symmetry 
_ndb_struct_na_base_pair.shear 
_ndb_struct_na_base_pair.stretch 
_ndb_struct_na_base_pair.stagger 
_ndb_struct_na_base_pair.buckle 
_ndb_struct_na_base_pair.propeller 
_ndb_struct_na_base_pair.opening 
_ndb_struct_na_base_pair.pair_number 
_ndb_struct_na_base_pair.pair_name 
_ndb_struct_na_base_pair.i_auth_asym_id 
_ndb_struct_na_base_pair.i_auth_seq_id 
_ndb_struct_na_base_pair.i_PDB_ins_code 
_ndb_struct_na_base_pair.j_auth_asym_id 
_ndb_struct_na_base_pair.j_auth_seq_id 
_ndb_struct_na_base_pair.j_PDB_ins_code 
_ndb_struct_na_base_pair.hbond_type_28 
_ndb_struct_na_base_pair.hbond_type_12 
1 A DG 2  1_555 B DC 11 1_555 -0.330 0.025  0.170  -12.873 0.999   -1.287 1 A_DG2:DC23_B  A 2  ? B 23 ? 19 1 
1 A DC 3  1_555 B DG 10 1_555 0.180  -0.109 0.222  -5.844  3.986   0.671  2 A_DC3:DG22_B  A 3  ? B 22 ? 19 1 
1 A DA 5  1_555 B DT 8  1_555 0.697  -0.241 -0.308 9.930   -12.785 -3.098 3 A_DA5:DT20_B  A 5  ? B 20 ? 20 1 
1 A DA 6  1_555 B DT 7  1_555 0.190  -0.179 -0.145 7.882   -15.316 2.752  4 A_DA6:DT19_B  A 6  ? B 19 ? 20 1 
1 A DT 7  1_555 B DA 6  1_555 0.353  -0.072 -0.210 1.509   -13.131 1.368  5 A_DT7:DA18_B  A 7  ? B 18 ? 20 1 
1 A DT 8  1_555 B DA 5  1_555 0.035  -0.051 0.120  -8.729  -18.713 3.019  6 A_DT8:DA17_B  A 8  ? B 17 ? 20 1 
1 A DG 10 1_555 B DC 3  1_555 -0.021 -0.019 0.159  3.789   2.518   -1.558 7 A_DG10:DC15_B A 10 ? B 15 ? 19 1 
1 A DC 11 1_555 B DG 2  1_555 0.321  -0.069 0.003  14.991  -1.140  -3.457 8 A_DC11:DG14_B A 11 ? B 14 ? 19 1 
# 
loop_
_ndb_struct_na_base_pair_step.model_number 
_ndb_struct_na_base_pair_step.i_label_asym_id_1 
_ndb_struct_na_base_pair_step.i_label_comp_id_1 
_ndb_struct_na_base_pair_step.i_label_seq_id_1 
_ndb_struct_na_base_pair_step.i_symmetry_1 
_ndb_struct_na_base_pair_step.j_label_asym_id_1 
_ndb_struct_na_base_pair_step.j_label_comp_id_1 
_ndb_struct_na_base_pair_step.j_label_seq_id_1 
_ndb_struct_na_base_pair_step.j_symmetry_1 
_ndb_struct_na_base_pair_step.i_label_asym_id_2 
_ndb_struct_na_base_pair_step.i_label_comp_id_2 
_ndb_struct_na_base_pair_step.i_label_seq_id_2 
_ndb_struct_na_base_pair_step.i_symmetry_2 
_ndb_struct_na_base_pair_step.j_label_asym_id_2 
_ndb_struct_na_base_pair_step.j_label_comp_id_2 
_ndb_struct_na_base_pair_step.j_label_seq_id_2 
_ndb_struct_na_base_pair_step.j_symmetry_2 
_ndb_struct_na_base_pair_step.shift 
_ndb_struct_na_base_pair_step.slide 
_ndb_struct_na_base_pair_step.rise 
_ndb_struct_na_base_pair_step.tilt 
_ndb_struct_na_base_pair_step.roll 
_ndb_struct_na_base_pair_step.twist 
_ndb_struct_na_base_pair_step.x_displacement 
_ndb_struct_na_base_pair_step.y_displacement 
_ndb_struct_na_base_pair_step.helical_rise 
_ndb_struct_na_base_pair_step.inclination 
_ndb_struct_na_base_pair_step.tip 
_ndb_struct_na_base_pair_step.helical_twist 
_ndb_struct_na_base_pair_step.step_number 
_ndb_struct_na_base_pair_step.step_name 
_ndb_struct_na_base_pair_step.i_auth_asym_id_1 
_ndb_struct_na_base_pair_step.i_auth_seq_id_1 
_ndb_struct_na_base_pair_step.i_PDB_ins_code_1 
_ndb_struct_na_base_pair_step.j_auth_asym_id_1 
_ndb_struct_na_base_pair_step.j_auth_seq_id_1 
_ndb_struct_na_base_pair_step.j_PDB_ins_code_1 
_ndb_struct_na_base_pair_step.i_auth_asym_id_2 
_ndb_struct_na_base_pair_step.i_auth_seq_id_2 
_ndb_struct_na_base_pair_step.i_PDB_ins_code_2 
_ndb_struct_na_base_pair_step.j_auth_asym_id_2 
_ndb_struct_na_base_pair_step.j_auth_seq_id_2 
_ndb_struct_na_base_pair_step.j_PDB_ins_code_2 
1 A DG 2  1_555 B DC 11 1_555 A DC 3  1_555 B DG 10 1_555 0.716  0.396  3.364 -0.776 -5.430 36.252 1.387  -1.247 3.257 -8.666 
1.239  36.651 1 AA_DG2DC3:DG22DC23_BB   A 2  ? B 23 ? A 3  ? B 22 ? 
1 A DC 3  1_555 B DG 10 1_555 A DA 5  1_555 B DT 8  1_555 -0.460 1.150  6.490 0.940  9.852  65.007 0.252  0.502  6.579 9.112  
-0.870 65.674 2 AA_DC3DA5:DT20DG22_BB   A 3  ? B 22 ? A 5  ? B 20 ? 
1 A DA 5  1_555 B DT 8  1_555 A DA 6  1_555 B DT 7  1_555 -0.327 0.285  3.356 -3.463 -2.090 37.978 0.707  0.051  3.352 -3.201 
5.303  38.185 3 AA_DA5DA6:DT19DT20_BB   A 5  ? B 20 ? A 6  ? B 19 ? 
1 A DA 6  1_555 B DT 7  1_555 A DT 7  1_555 B DA 6  1_555 -0.065 -0.200 3.455 0.870  -5.099 39.659 0.328  0.201  3.452 -7.477 
-1.276 39.981 4 AA_DA6DT7:DA18DT19_BB   A 6  ? B 19 ? A 7  ? B 18 ? 
1 A DT 7  1_555 B DA 6  1_555 A DT 8  1_555 B DA 5  1_555 0.471  0.014  3.463 0.065  -1.091 39.402 0.157  -0.690 3.462 -1.618 
-0.096 39.416 5 AA_DT7DT8:DA17DA18_BB   A 7  ? B 18 ? A 8  ? B 17 ? 
1 A DT 8  1_555 B DA 5  1_555 A DG 10 1_555 B DC 3  1_555 0.414  0.270  6.436 0.403  6.268  62.036 -0.303 -0.364 6.436 6.065  
-0.390 62.322 6 AA_DT8DG10:DC15DA17_BB  A 8  ? B 17 ? A 10 ? B 15 ? 
1 A DG 10 1_555 B DC 3  1_555 A DC 11 1_555 B DG 2  1_555 -0.663 0.404  3.334 1.231  -5.184 36.273 1.359  1.224  3.225 -8.272 
-1.964 36.649 7 AA_DG10DC11:DG14DC15_BB A 10 ? B 15 ? A 11 ? B 14 ? 
# 
_pdbx_initial_refinement_model.id               1 
_pdbx_initial_refinement_model.entity_id_list   ? 
_pdbx_initial_refinement_model.type             'experimental model' 
_pdbx_initial_refinement_model.source_name      PDB 
_pdbx_initial_refinement_model.accession_code   476D 
_pdbx_initial_refinement_model.details          ? 
# 
_atom_sites.entry_id                    5KTV 
_atom_sites.fract_transf_matrix[1][1]   -0.01216238 
_atom_sites.fract_transf_matrix[1][2]   0.02497867 
_atom_sites.fract_transf_matrix[1][3]   0.00492911 
_atom_sites.fract_transf_matrix[2][1]   -0.00214116 
_atom_sites.fract_transf_matrix[2][2]   0.00968104 
_atom_sites.fract_transf_matrix[2][3]   0.02641658 
_atom_sites.fract_transf_matrix[3][1]   0.00869165 
_atom_sites.fract_transf_matrix[3][2]   0.00441211 
_atom_sites.fract_transf_matrix[3][3]   -0.00091244 
_atom_sites.fract_transf_vector[1]      1.018001 
_atom_sites.fract_transf_vector[2]      1.327252 
_atom_sites.fract_transf_vector[3]      0.010309 
# 
loop_
_atom_type.symbol 
C  
CA 
N  
O  
P  
# 
loop_
_atom_site.group_PDB 
_atom_site.id 
_atom_site.type_symbol 
_atom_site.label_atom_id 
_atom_site.label_alt_id 
_atom_site.label_comp_id 
_atom_site.label_asym_id 
_atom_site.label_entity_id 
_atom_site.label_seq_id 
_atom_site.pdbx_PDB_ins_code 
_atom_site.Cartn_x 
_atom_site.Cartn_y 
_atom_site.Cartn_z 
_atom_site.occupancy 
_atom_site.B_iso_or_equiv 
_atom_site.pdbx_formal_charge 
_atom_site.auth_seq_id 
_atom_site.auth_comp_id 
_atom_site.auth_asym_id 
_atom_site.auth_atom_id 
_atom_site.pdbx_PDB_model_num 
ATOM   1   P  P     . DG  A 1 2  ? -13.265 -12.481 -5.532  1.00 86.36  ? 2   DG  A P     1 
ATOM   2   O  OP1   . DG  A 1 2  ? -12.880 -12.910 -6.906  1.00 98.90  ? 2   DG  A OP1   1 
ATOM   3   O  OP2   . DG  A 1 2  ? -12.285 -12.689 -4.418  1.00 69.69  ? 2   DG  A OP2   1 
ATOM   4   O  "O5'" . DG  A 1 2  ? -13.570 -10.921 -5.662  1.00 74.69  ? 2   DG  A "O5'" 1 
ATOM   5   C  "C5'" . DG  A 1 2  ? -14.917 -10.398 -5.596  1.00 78.07  ? 2   DG  A "C5'" 1 
ATOM   6   C  "C4'" . DG  A 1 2  ? -14.922 -8.887  -5.688  1.00 71.70  ? 2   DG  A "C4'" 1 
ATOM   7   O  "O4'" . DG  A 1 2  ? -14.839 -8.272  -4.377  1.00 65.65  ? 2   DG  A "O4'" 1 
ATOM   8   C  "C3'" . DG  A 1 2  ? -13.798 -8.253  -6.502  1.00 75.05  ? 2   DG  A "C3'" 1 
ATOM   9   O  "O3'" . DG  A 1 2  ? -14.455 -7.178  -7.180  1.00 87.03  ? 2   DG  A "O3'" 1 
ATOM   10  C  "C2'" . DG  A 1 2  ? -12.752 -7.901  -5.445  1.00 81.08  ? 2   DG  A "C2'" 1 
ATOM   11  C  "C1'" . DG  A 1 2  ? -13.561 -7.680  -4.160  1.00 66.99  ? 2   DG  A "C1'" 1 
ATOM   12  N  N9    . DG  A 1 2  ? -13.042 -8.211  -2.895  1.00 62.22  ? 2   DG  A N9    1 
ATOM   13  C  C8    . DG  A 1 2  ? -12.470 -9.442  -2.675  1.00 69.77  ? 2   DG  A C8    1 
ATOM   14  N  N7    . DG  A 1 2  ? -12.172 -9.653  -1.420  1.00 69.84  ? 2   DG  A N7    1 
ATOM   15  C  C5    . DG  A 1 2  ? -12.604 -8.505  -0.766  1.00 57.81  ? 2   DG  A C5    1 
ATOM   16  C  C6    . DG  A 1 2  ? -12.568 -8.159  0.615   1.00 53.20  ? 2   DG  A C6    1 
ATOM   17  O  O6    . DG  A 1 2  ? -12.158 -8.829  1.568   1.00 52.44  ? 2   DG  A O6    1 
ATOM   18  N  N1    . DG  A 1 2  ? -13.128 -6.905  0.845   1.00 57.72  ? 2   DG  A N1    1 
ATOM   19  C  C2    . DG  A 1 2  ? -13.647 -6.082  -0.128  1.00 57.21  ? 2   DG  A C2    1 
ATOM   20  N  N2    . DG  A 1 2  ? -14.151 -4.909  0.292   1.00 50.86  ? 2   DG  A N2    1 
ATOM   21  N  N3    . DG  A 1 2  ? -13.707 -6.401  -1.413  1.00 57.67  ? 2   DG  A N3    1 
ATOM   22  C  C4    . DG  A 1 2  ? -13.183 -7.624  -1.656  1.00 55.02  ? 2   DG  A C4    1 
ATOM   23  P  P     . DC  A 1 3  ? -13.666 -6.168  -8.151  1.00 103.96 ? 3   DC  A P     1 
ATOM   24  O  OP1   . DC  A 1 3  ? -14.698 -5.501  -9.003  1.00 96.41  ? 3   DC  A OP1   1 
ATOM   25  O  OP2   . DC  A 1 3  ? -12.531 -6.907  -8.784  1.00 84.79  ? 3   DC  A OP2   1 
ATOM   26  O  "O5'" . DC  A 1 3  ? -13.128 -5.054  -7.140  1.00 77.49  ? 3   DC  A "O5'" 1 
ATOM   27  C  "C5'" . DC  A 1 3  ? -14.069 -4.337  -6.316  1.00 76.81  ? 3   DC  A "C5'" 1 
ATOM   28  C  "C4'" . DC  A 1 3  ? -13.375 -3.559  -5.223  1.00 74.12  ? 3   DC  A "C4'" 1 
ATOM   29  O  "O4'" . DC  A 1 3  ? -12.867 -4.419  -4.191  1.00 77.57  ? 3   DC  A "O4'" 1 
ATOM   30  C  "C3'" . DC  A 1 3  ? -12.182 -2.732  -5.675  1.00 77.51  ? 3   DC  A "C3'" 1 
ATOM   31  O  "O3'" . DC  A 1 3  ? -12.752 -1.449  -5.907  1.00 85.57  ? 3   DC  A "O3'" 1 
ATOM   32  C  "C2'" . DC  A 1 3  ? -11.218 -2.800  -4.499  1.00 77.14  ? 3   DC  A "C2'" 1 
ATOM   33  C  "C1'" . DC  A 1 3  ? -11.876 -3.714  -3.474  1.00 69.40  ? 3   DC  A "C1'" 1 
ATOM   34  N  N1    . DC  A 1 3  ? -11.021 -4.722  -2.820  1.00 70.30  ? 3   DC  A N1    1 
ATOM   35  C  C2    . DC  A 1 3  ? -10.860 -4.720  -1.418  1.00 66.71  ? 3   DC  A C2    1 
ATOM   36  O  O2    . DC  A 1 3  ? -11.332 -3.784  -0.749  1.00 66.99  ? 3   DC  A O2    1 
ATOM   37  N  N3    . DC  A 1 3  ? -10.143 -5.708  -0.839  1.00 68.46  ? 3   DC  A N3    1 
ATOM   38  C  C4    . DC  A 1 3  ? -9.618  -6.682  -1.590  1.00 73.75  ? 3   DC  A C4    1 
ATOM   39  N  N4    . DC  A 1 3  ? -8.906  -7.629  -0.975  1.00 73.26  ? 3   DC  A N4    1 
ATOM   40  C  C5    . DC  A 1 3  ? -9.804  -6.729  -3.003  1.00 69.67  ? 3   DC  A C5    1 
ATOM   41  C  C6    . DC  A 1 3  ? -10.513 -5.746  -3.569  1.00 72.21  ? 3   DC  A C6    1 
ATOM   42  P  P     . DG  A 1 4  ? -11.931 -0.287  -6.617  1.00 86.18  ? 4   DG  A P     1 
ATOM   43  O  OP1   . DG  A 1 4  ? -12.825 0.372   -7.613  1.00 88.16  ? 4   DG  A OP1   1 
ATOM   44  O  OP2   . DG  A 1 4  ? -10.602 -0.819  -7.025  1.00 91.70  ? 4   DG  A OP2   1 
ATOM   45  O  "O5'" . DG  A 1 4  ? -11.713 0.738   -5.424  1.00 71.44  ? 4   DG  A "O5'" 1 
ATOM   46  C  "C5'" . DG  A 1 4  ? -12.802 1.151   -4.592  1.00 74.16  ? 4   DG  A "C5'" 1 
ATOM   47  C  "C4'" . DG  A 1 4  ? -12.228 1.640   -3.288  1.00 73.71  ? 4   DG  A "C4'" 1 
ATOM   48  O  "O4'" . DG  A 1 4  ? -11.564 0.528   -2.641  1.00 68.23  ? 4   DG  A "O4'" 1 
ATOM   49  C  "C3'" . DG  A 1 4  ? -11.181 2.746   -3.466  1.00 75.16  ? 4   DG  A "C3'" 1 
ATOM   50  O  "O3'" . DG  A 1 4  ? -11.591 3.863   -2.655  1.00 77.58  ? 4   DG  A "O3'" 1 
ATOM   51  C  "C2'" . DG  A 1 4  ? -9.852  2.034   -3.251  1.00 71.81  ? 4   DG  A "C2'" 1 
ATOM   52  C  "C1'" . DG  A 1 4  ? -10.204 0.846   -2.361  1.00 74.58  ? 4   DG  A "C1'" 1 
ATOM   53  N  N9    . DG  A 1 4  ? -9.407  -0.369  -2.565  1.00 65.77  ? 4   DG  A N9    1 
ATOM   54  C  C8    . DG  A 1 4  ? -8.980  -0.893  -3.764  1.00 75.72  ? 4   DG  A C8    1 
ATOM   55  N  N7    . DG  A 1 4  ? -8.322  -2.013  -3.630  1.00 63.01  ? 4   DG  A N7    1 
ATOM   56  C  C5    . DG  A 1 4  ? -8.305  -2.238  -2.260  1.00 82.23  ? 4   DG  A C5    1 
ATOM   57  C  C6    . DG  A 1 4  ? -7.720  -3.290  -1.509  1.00 74.30  ? 4   DG  A C6    1 
ATOM   58  O  O6    . DG  A 1 4  ? -7.064  -4.256  -1.914  1.00 92.56  ? 4   DG  A O6    1 
ATOM   59  N  N1    . DG  A 1 4  ? -7.900  -3.104  -0.145  1.00 68.31  ? 4   DG  A N1    1 
ATOM   60  C  C2    . DG  A 1 4  ? -8.576  -2.060  0.425   1.00 62.71  ? 4   DG  A C2    1 
ATOM   61  N  N2    . DG  A 1 4  ? -8.661  -2.071  1.762   1.00 65.56  ? 4   DG  A N2    1 
ATOM   62  N  N3    . DG  A 1 4  ? -9.139  -1.080  -0.263  1.00 67.73  ? 4   DG  A N3    1 
ATOM   63  C  C4    . DG  A 1 4  ? -8.955  -1.225  -1.589  1.00 69.92  ? 4   DG  A C4    1 
ATOM   64  P  P     . DA  A 1 5  ? -10.550 4.868   -1.970  1.00 94.46  ? 5   DA  A P     1 
ATOM   65  O  OP1   . DA  A 1 5  ? -11.316 6.034   -1.455  1.00 92.94  ? 5   DA  A OP1   1 
ATOM   66  O  OP2   . DA  A 1 5  ? -9.423  5.093   -2.922  1.00 98.89  ? 5   DA  A OP2   1 
ATOM   67  O  "O5'" . DA  A 1 5  ? -10.019 4.003   -0.746  1.00 86.58  ? 5   DA  A "O5'" 1 
ATOM   68  C  "C5'" . DA  A 1 5  ? -10.143 4.427   0.618   1.00 91.36  ? 5   DA  A "C5'" 1 
ATOM   69  C  "C4'" . DA  A 1 5  ? -8.860  4.109   1.346   1.00 95.09  ? 5   DA  A "C4'" 1 
ATOM   70  O  "O4'" . DA  A 1 5  ? -8.337  2.822   0.911   1.00 92.22  ? 5   DA  A "O4'" 1 
ATOM   71  C  "C3'" . DA  A 1 5  ? -7.727  5.115   1.100   1.00 105.47 ? 5   DA  A "C3'" 1 
ATOM   72  O  "O3'" . DA  A 1 5  ? -6.881  5.130   2.247   1.00 114.60 ? 5   DA  A "O3'" 1 
ATOM   73  C  "C2'" . DA  A 1 5  ? -6.888  4.419   0.048   1.00 101.82 ? 5   DA  A "C2'" 1 
ATOM   74  C  "C1'" . DA  A 1 5  ? -6.962  3.009   0.608   1.00 93.34  ? 5   DA  A "C1'" 1 
ATOM   75  N  N9    . DA  A 1 5  ? -6.537  1.934   -0.274  1.00 81.41  ? 5   DA  A N9    1 
ATOM   76  C  C8    . DA  A 1 5  ? -6.583  1.915   -1.644  1.00 71.67  ? 5   DA  A C8    1 
ATOM   77  N  N7    . DA  A 1 5  ? -6.126  0.808   -2.171  1.00 76.59  ? 5   DA  A N7    1 
ATOM   78  C  C5    . DA  A 1 5  ? -5.776  0.035   -1.073  1.00 60.74  ? 5   DA  A C5    1 
ATOM   79  C  C6    . DA  A 1 5  ? -5.236  -1.258  -0.964  1.00 64.21  ? 5   DA  A C6    1 
ATOM   80  N  N6    . DA  A 1 5  ? -4.946  -2.020  -2.021  1.00 59.27  ? 5   DA  A N6    1 
ATOM   81  N  N1    . DA  A 1 5  ? -4.979  -1.734  0.279   1.00 57.58  ? 5   DA  A N1    1 
ATOM   82  C  C2    . DA  A 1 5  ? -5.252  -0.945  1.334   1.00 61.67  ? 5   DA  A C2    1 
ATOM   83  N  N3    . DA  A 1 5  ? -5.782  0.279   1.355   1.00 66.89  ? 5   DA  A N3    1 
ATOM   84  C  C4    . DA  A 1 5  ? -6.005  0.723   0.103   1.00 63.76  ? 5   DA  A C4    1 
ATOM   85  P  P     . DA  A 1 6  ? -6.769  6.395   3.163   1.00 119.60 ? 6   DA  A P     1 
ATOM   86  O  OP1   . DA  A 1 6  ? -8.116  6.662   3.754   1.00 101.41 ? 6   DA  A OP1   1 
ATOM   87  O  OP2   . DA  A 1 6  ? -6.078  7.449   2.355   1.00 102.29 ? 6   DA  A OP2   1 
ATOM   88  O  "O5'" . DA  A 1 6  ? -5.878  5.833   4.363   1.00 93.78  ? 6   DA  A "O5'" 1 
ATOM   89  C  "C5'" . DA  A 1 6  ? -6.275  4.638   5.076   1.00 91.02  ? 6   DA  A "C5'" 1 
ATOM   90  C  "C4'" . DA  A 1 6  ? -5.081  3.868   5.597   1.00 89.32  ? 6   DA  A "C4'" 1 
ATOM   91  O  "O4'" . DA  A 1 6  ? -4.598  2.934   4.601   1.00 85.51  ? 6   DA  A "O4'" 1 
ATOM   92  C  "C3'" . DA  A 1 6  ? -3.851  4.678   6.019   1.00 97.56  ? 6   DA  A "C3'" 1 
ATOM   93  O  "O3'" . DA  A 1 6  ? -3.367  3.982   7.182   1.00 95.36  ? 6   DA  A "O3'" 1 
ATOM   94  C  "C2'" . DA  A 1 6  ? -2.961  4.611   4.781   1.00 91.94  ? 6   DA  A "C2'" 1 
ATOM   95  C  "C1'" . DA  A 1 6  ? -3.235  3.194   4.275   1.00 83.28  ? 6   DA  A "C1'" 1 
ATOM   96  N  N9    . DA  A 1 6  ? -3.080  2.936   2.842   1.00 72.62  ? 6   DA  A N9    1 
ATOM   97  C  C8    . DA  A 1 6  ? -3.469  3.755   1.809   1.00 62.09  ? 6   DA  A C8    1 
ATOM   98  N  N7    . DA  A 1 6  ? -3.293  3.226   0.621   1.00 64.15  ? 6   DA  A N7    1 
ATOM   99  C  C5    . DA  A 1 6  ? -2.776  1.965   0.889   1.00 56.06  ? 6   DA  A C5    1 
ATOM   100 C  C6    . DA  A 1 6  ? -2.344  0.922   0.050   1.00 57.03  ? 6   DA  A C6    1 
ATOM   101 N  N6    . DA  A 1 6  ? -2.424  0.968   -1.281  1.00 68.88  ? 6   DA  A N6    1 
ATOM   102 N  N1    . DA  A 1 6  ? -1.876  -0.205  0.633   1.00 61.13  ? 6   DA  A N1    1 
ATOM   103 C  C2    . DA  A 1 6  ? -1.801  -0.248  1.973   1.00 58.10  ? 6   DA  A C2    1 
ATOM   104 N  N3    . DA  A 1 6  ? -2.160  0.676   2.866   1.00 55.49  ? 6   DA  A N3    1 
ATOM   105 C  C4    . DA  A 1 6  ? -2.664  1.761   2.254   1.00 51.33  ? 6   DA  A C4    1 
ATOM   106 P  P     . DT  A 1 7  ? -2.045  4.451   7.957   1.00 92.87  ? 7   DT  A P     1 
ATOM   107 O  OP1   . DT  A 1 7  ? -2.227  4.125   9.400   1.00 96.83  ? 7   DT  A OP1   1 
ATOM   108 O  OP2   . DT  A 1 7  ? -1.737  5.859   7.536   1.00 89.30  ? 7   DT  A OP2   1 
ATOM   109 O  "O5'" . DT  A 1 7  ? -0.966  3.377   7.475   1.00 89.24  ? 7   DT  A "O5'" 1 
ATOM   110 C  "C5'" . DT  A 1 7  ? -1.286  1.975   7.596   1.00 81.44  ? 7   DT  A "C5'" 1 
ATOM   111 C  "C4'" . DT  A 1 7  ? -0.131  1.091   7.193   1.00 77.83  ? 7   DT  A "C4'" 1 
ATOM   112 O  "O4'" . DT  A 1 7  ? -0.044  0.961   5.747   1.00 77.83  ? 7   DT  A "O4'" 1 
ATOM   113 C  "C3'" . DT  A 1 7  ? 1.254   1.539   7.663   1.00 82.75  ? 7   DT  A "C3'" 1 
ATOM   114 O  "O3'" . DT  A 1 7  ? 1.924   0.331   8.050   1.00 80.37  ? 7   DT  A "O3'" 1 
ATOM   115 C  "C2'" . DT  A 1 7  ? 1.834   2.226   6.431   1.00 77.37  ? 7   DT  A "C2'" 1 
ATOM   116 C  "C1'" . DT  A 1 7  ? 1.248   1.381   5.296   1.00 77.29  ? 7   DT  A "C1'" 1 
ATOM   117 N  N1    . DT  A 1 7  ? 1.066   2.036   3.978   1.00 66.61  ? 7   DT  A N1    1 
ATOM   118 C  C2    . DT  A 1 7  ? 1.272   1.286   2.838   1.00 58.46  ? 7   DT  A C2    1 
ATOM   119 O  O2    . DT  A 1 7  ? 1.658   0.126   2.854   1.00 61.54  ? 7   DT  A O2    1 
ATOM   120 N  N3    . DT  A 1 7  ? 1.029   1.953   1.666   1.00 63.02  ? 7   DT  A N3    1 
ATOM   121 C  C4    . DT  A 1 7  ? 0.565   3.244   1.520   1.00 62.41  ? 7   DT  A C4    1 
ATOM   122 O  O4    . DT  A 1 7  ? 0.396   3.703   0.396   1.00 69.62  ? 7   DT  A O4    1 
ATOM   123 C  C5    . DT  A 1 7  ? 0.362   3.971   2.757   1.00 64.66  ? 7   DT  A C5    1 
ATOM   124 C  C7    . DT  A 1 7  ? -0.102  5.393   2.697   1.00 60.79  ? 7   DT  A C7    1 
ATOM   125 C  C6    . DT  A 1 7  ? 0.621   3.340   3.907   1.00 63.00  ? 7   DT  A C6    1 
ATOM   126 P  P     . DT  A 1 8  ? 3.448   0.354   8.572   1.00 96.38  ? 8   DT  A P     1 
ATOM   127 O  OP1   . DT  A 1 8  ? 3.623   -0.716  9.593   1.00 89.69  ? 8   DT  A OP1   1 
ATOM   128 O  OP2   . DT  A 1 8  ? 3.800   1.762   8.868   1.00 70.70  ? 8   DT  A OP2   1 
ATOM   129 O  "O5'" . DT  A 1 8  ? 4.253   -0.272  7.350   1.00 90.18  ? 8   DT  A "O5'" 1 
ATOM   130 C  "C5'" . DT  A 1 8  ? 3.901   -1.579  6.869   1.00 89.52  ? 8   DT  A "C5'" 1 
ATOM   131 C  "C4'" . DT  A 1 8  ? 4.656   -1.872  5.598   1.00 91.00  ? 8   DT  A "C4'" 1 
ATOM   132 O  "O4'" . DT  A 1 8  ? 4.235   -0.960  4.556   1.00 96.03  ? 8   DT  A "O4'" 1 
ATOM   133 C  "C3'" . DT  A 1 8  ? 6.180   -1.738  5.711   1.00 89.03  ? 8   DT  A "C3'" 1 
ATOM   134 O  "O3'" . DT  A 1 8  ? 6.760   -2.961  5.235   1.00 87.20  ? 8   DT  A "O3'" 1 
ATOM   135 C  "C2'" . DT  A 1 8  ? 6.515   -0.532  4.844   1.00 83.55  ? 8   DT  A "C2'" 1 
ATOM   136 C  "C1'" . DT  A 1 8  ? 5.371   -0.515  3.839   1.00 81.22  ? 8   DT  A "C1'" 1 
ATOM   137 N  N1    . DT  A 1 8  ? 5.043   0.796   3.259   1.00 69.40  ? 8   DT  A N1    1 
ATOM   138 C  C2    . DT  A 1 8  ? 4.945   0.912   1.890   1.00 65.65  ? 8   DT  A C2    1 
ATOM   139 O  O2    . DT  A 1 8  ? 5.134   -0.018  1.127   1.00 72.00  ? 8   DT  A O2    1 
ATOM   140 N  N3    . DT  A 1 8  ? 4.642   2.175   1.442   1.00 60.78  ? 8   DT  A N3    1 
ATOM   141 C  C4    . DT  A 1 8  ? 4.378   3.293   2.216   1.00 61.41  ? 8   DT  A C4    1 
ATOM   142 O  O4    . DT  A 1 8  ? 4.089   4.357   1.674   1.00 65.52  ? 8   DT  A O4    1 
ATOM   143 C  C5    . DT  A 1 8  ? 4.478   3.094   3.646   1.00 68.73  ? 8   DT  A C5    1 
ATOM   144 C  C7    . DT  A 1 8  ? 4.235   4.253   4.563   1.00 63.37  ? 8   DT  A C7    1 
ATOM   145 C  C6    . DT  A 1 8  ? 4.781   1.866   4.090   1.00 67.81  ? 8   DT  A C6    1 
HETATM 146 N  N     . 1W5 A 1 9  ? 7.955   3.192   3.926   1.00 83.91  ? 9   1W5 A N     1 
HETATM 147 P  P     . 1W5 A 1 9  ? 8.318   -3.267  5.441   1.00 107.29 ? 9   1W5 A P     1 
HETATM 148 C  C1    . 1W5 A 1 9  ? 8.563   0.813   1.103   1.00 70.87  ? 9   1W5 A C1    1 
HETATM 149 C  C2    . 1W5 A 1 9  ? 8.238   1.721   -0.011  1.00 64.00  ? 9   1W5 A C2    1 
HETATM 150 O  O2    . 1W5 A 1 9  ? 8.316   1.271   -1.255  1.00 65.34  ? 9   1W5 A O2    1 
HETATM 151 N  N3    . 1W5 A 1 9  ? 7.863   2.978   0.160   1.00 61.60  ? 9   1W5 A N3    1 
HETATM 152 C  C4    . 1W5 A 1 9  ? 7.754   3.451   1.410   1.00 68.95  ? 9   1W5 A C4    1 
HETATM 153 N  N4    . 1W5 A 1 9  ? 7.365   4.706   1.524   1.00 69.35  ? 9   1W5 A N4    1 
HETATM 154 C  C5    . 1W5 A 1 9  ? 8.041   2.645   2.555   1.00 71.85  ? 9   1W5 A C5    1 
HETATM 155 C  C6    . 1W5 A 1 9  ? 8.435   1.326   2.380   1.00 64.48  ? 9   1W5 A C6    1 
HETATM 156 C  "C1'" . 1W5 A 1 9  ? 8.916   -0.628  0.877   1.00 72.29  ? 9   1W5 A "C1'" 1 
HETATM 157 C  "C2'" . 1W5 A 1 9  ? 10.311  -1.054  1.278   1.00 74.41  ? 9   1W5 A "C2'" 1 
HETATM 158 C  "C3'" . 1W5 A 1 9  ? 10.159  -2.561  1.499   1.00 73.31  ? 9   1W5 A "C3'" 1 
HETATM 159 O  "O3'" . 1W5 A 1 9  ? 10.548  -3.354  0.387   1.00 65.91  ? 9   1W5 A "O3'" 1 
HETATM 160 C  "C4'" . 1W5 A 1 9  ? 8.660   -2.776  1.600   1.00 76.05  ? 9   1W5 A "C4'" 1 
HETATM 161 O  "O4'" . 1W5 A 1 9  ? 8.070   -1.459  1.687   1.00 79.33  ? 9   1W5 A "O4'" 1 
HETATM 162 C  "C5'" . 1W5 A 1 9  ? 8.308   -3.614  2.804   1.00 87.12  ? 9   1W5 A "C5'" 1 
HETATM 163 O  "O5'" . 1W5 A 1 9  ? 8.926   -3.052  3.965   1.00 98.99  ? 9   1W5 A "O5'" 1 
HETATM 164 O  ON1   . 1W5 A 1 9  ? 7.730   4.386   4.061   1.00 66.56  ? 9   1W5 A ON1   1 
HETATM 165 O  ON2   . 1W5 A 1 9  ? 8.138   2.423   4.864   1.00 94.78  ? 9   1W5 A ON2   1 
HETATM 166 O  OP1   . 1W5 A 1 9  ? 8.458   -4.711  5.728   1.00 96.66  ? 9   1W5 A OP1   1 
HETATM 167 O  OP2   . 1W5 A 1 9  ? 8.700   -2.576  6.204   1.00 77.23  ? 9   1W5 A OP2   1 
ATOM   168 P  P     . DG  A 1 10 ? 12.061  -3.839  0.208   1.00 78.16  ? 10  DG  A P     1 
ATOM   169 O  OP1   . DG  A 1 10 ? 12.051  -4.974  -0.765  1.00 61.59  ? 10  DG  A OP1   1 
ATOM   170 O  OP2   . DG  A 1 10 ? 12.623  -4.052  1.555   1.00 62.65  ? 10  DG  A OP2   1 
ATOM   171 O  "O5'" . DG  A 1 10 ? 12.752  -2.604  -0.541  1.00 66.25  ? 10  DG  A "O5'" 1 
ATOM   172 C  "C5'" . DG  A 1 10 ? 12.499  -2.437  -1.961  1.00 66.12  ? 10  DG  A "C5'" 1 
ATOM   173 C  "C4'" . DG  A 1 10 ? 13.031  -1.106  -2.422  1.00 67.76  ? 10  DG  A "C4'" 1 
ATOM   174 O  "O4'" . DG  A 1 10 ? 12.257  -0.024  -1.832  1.00 68.55  ? 10  DG  A "O4'" 1 
ATOM   175 C  "C3'" . DG  A 1 10 ? 14.491  -0.855  -2.022  1.00 57.16  ? 10  DG  A "C3'" 1 
ATOM   176 O  "O3'" . DG  A 1 10 ? 15.158  -0.217  -3.097  1.00 59.00  ? 10  DG  A "O3'" 1 
ATOM   177 C  "C2'" . DG  A 1 10 ? 14.378  0.166   -0.915  1.00 65.51  ? 10  DG  A "C2'" 1 
ATOM   178 C  "C1'" . DG  A 1 10 ? 13.184  0.952   -1.431  1.00 58.11  ? 10  DG  A "C1'" 1 
ATOM   179 N  N9    . DG  A 1 10 ? 12.530  1.866   -0.514  1.00 61.33  ? 10  DG  A N9    1 
ATOM   180 C  C8    . DG  A 1 10 ? 12.558  1.856   0.860   1.00 67.13  ? 10  DG  A C8    1 
ATOM   181 N  N7    . DG  A 1 10 ? 11.920  2.864   1.393   1.00 63.96  ? 10  DG  A N7    1 
ATOM   182 C  C5    . DG  A 1 10 ? 11.504  3.621   0.306   1.00 61.60  ? 10  DG  A C5    1 
ATOM   183 C  C6    . DG  A 1 10 ? 10.773  4.842   0.252   1.00 59.13  ? 10  DG  A C6    1 
ATOM   184 O  O6    . DG  A 1 10 ? 10.298  5.501   1.184   1.00 60.58  ? 10  DG  A O6    1 
ATOM   185 N  N1    . DG  A 1 10 ? 10.524  5.229   -1.058  1.00 49.67  ? 10  DG  A N1    1 
ATOM   186 C  C2    . DG  A 1 10 ? 10.963  4.565   -2.176  1.00 53.64  ? 10  DG  A C2    1 
ATOM   187 N  N2    . DG  A 1 10 ? 10.687  5.143   -3.348  1.00 47.57  ? 10  DG  A N2    1 
ATOM   188 N  N3    . DG  A 1 10 ? 11.651  3.437   -2.143  1.00 49.72  ? 10  DG  A N3    1 
ATOM   189 C  C4    . DG  A 1 10 ? 11.874  3.018   -0.880  1.00 59.01  ? 10  DG  A C4    1 
ATOM   190 P  P     . DC  A 1 11 ? 16.290  -0.958  -3.942  1.00 70.10  ? 11  DC  A P     1 
ATOM   191 O  OP1   . DC  A 1 11 ? 15.705  -2.164  -4.557  1.00 72.04  ? 11  DC  A OP1   1 
ATOM   192 O  OP2   . DC  A 1 11 ? 17.508  -1.076  -3.096  1.00 64.80  ? 11  DC  A OP2   1 
ATOM   193 O  "O5'" . DC  A 1 11 ? 16.558  0.072   -5.137  1.00 65.34  ? 11  DC  A "O5'" 1 
ATOM   194 C  "C5'" . DC  A 1 11 ? 15.605  0.206   -6.219  1.00 62.04  ? 11  DC  A "C5'" 1 
ATOM   195 C  "C4'" . DC  A 1 11 ? 15.462  1.647   -6.655  1.00 49.39  ? 11  DC  A "C4'" 1 
ATOM   196 O  "O4'" . DC  A 1 11 ? 14.804  2.427   -5.605  1.00 57.31  ? 11  DC  A "O4'" 1 
ATOM   197 C  "C3'" . DC  A 1 11 ? 16.789  2.349   -6.950  1.00 52.67  ? 11  DC  A "C3'" 1 
ATOM   198 O  "O3'" . DC  A 1 11 ? 16.726  3.048   -8.202  1.00 47.13  ? 11  DC  A "O3'" 1 
ATOM   199 C  "C2'" . DC  A 1 11 ? 16.980  3.294   -5.766  1.00 47.33  ? 11  DC  A "C2'" 1 
ATOM   200 C  "C1'" . DC  A 1 11 ? 15.562  3.620   -5.361  1.00 49.58  ? 11  DC  A "C1'" 1 
ATOM   201 N  N1    . DC  A 1 11 ? 15.371  4.026   -3.950  1.00 50.02  ? 11  DC  A N1    1 
ATOM   202 C  C2    . DC  A 1 11 ? 14.542  5.128   -3.666  1.00 50.55  ? 11  DC  A C2    1 
ATOM   203 O  O2    . DC  A 1 11 ? 13.993  5.726   -4.610  1.00 49.89  ? 11  DC  A O2    1 
ATOM   204 N  N3    . DC  A 1 11 ? 14.341  5.489   -2.369  1.00 45.44  ? 11  DC  A N3    1 
ATOM   205 C  C4    . DC  A 1 11 ? 14.946  4.804   -1.384  1.00 53.20  ? 11  DC  A C4    1 
ATOM   206 N  N4    . DC  A 1 11 ? 14.749  5.200   -0.122  1.00 44.72  ? 11  DC  A N4    1 
ATOM   207 C  C5    . DC  A 1 11 ? 15.783  3.683   -1.649  1.00 42.82  ? 11  DC  A C5    1 
ATOM   208 C  C6    . DC  A 1 11 ? 15.959  3.327   -2.931  1.00 53.28  ? 11  DC  A C6    1 
ATOM   209 P  P     . DG  A 1 12 ? 18.046  3.409   -8.987  1.00 60.19  ? 12  DG  A P     1 
ATOM   210 O  OP1   . DG  A 1 12 ? 17.682  4.200   -10.191 1.00 67.01  ? 12  DG  A OP1   1 
ATOM   211 O  OP2   . DG  A 1 12 ? 18.851  2.181   -9.122  1.00 67.99  ? 12  DG  A OP2   1 
ATOM   212 O  "O5'" . DG  A 1 12 ? 18.857  4.390   -8.027  1.00 68.15  ? 12  DG  A "O5'" 1 
ATOM   213 C  "C5'" . DG  A 1 12 ? 18.629  5.836   -7.872  1.00 61.20  ? 12  DG  A "C5'" 1 
ATOM   214 C  "C4'" . DG  A 1 12 ? 19.763  6.414   -7.047  1.00 57.94  ? 12  DG  A "C4'" 1 
ATOM   215 O  "O4'" . DG  A 1 12 ? 19.946  5.609   -5.859  1.00 53.61  ? 12  DG  A "O4'" 1 
ATOM   216 C  "C3'" . DG  A 1 12 ? 21.110  6.372   -7.771  1.00 66.98  ? 12  DG  A "C3'" 1 
ATOM   217 O  "O3'" . DG  A 1 12 ? 21.330  7.648   -8.358  1.00 65.38  ? 12  DG  A "O3'" 1 
ATOM   218 C  "C2'" . DG  A 1 12 ? 22.112  5.955   -6.701  1.00 62.76  ? 12  DG  A "C2'" 1 
ATOM   219 C  "C1'" . DG  A 1 12 ? 21.288  5.132   -5.736  1.00 61.05  ? 12  DG  A "C1'" 1 
ATOM   220 N  N9    . DG  A 1 12 ? 21.241  3.685   -5.908  1.00 58.73  ? 12  DG  A N9    1 
ATOM   221 C  C8    . DG  A 1 12 ? 21.615  2.939   -7.002  1.00 56.33  ? 12  DG  A C8    1 
ATOM   222 N  N7    . DG  A 1 12 ? 21.370  1.664   -6.858  1.00 51.60  ? 12  DG  A N7    1 
ATOM   223 C  C5    . DG  A 1 12 ? 20.739  1.571   -5.626  1.00 53.61  ? 12  DG  A C5    1 
ATOM   224 C  C6    . DG  A 1 12 ? 20.208  0.441   -4.950  1.00 69.43  ? 12  DG  A C6    1 
ATOM   225 O  O6    . DG  A 1 12 ? 20.174  -0.737  -5.324  1.00 66.22  ? 12  DG  A O6    1 
ATOM   226 N  N1    . DG  A 1 12 ? 19.674  0.790   -3.712  1.00 64.54  ? 12  DG  A N1    1 
ATOM   227 C  C2    . DG  A 1 12 ? 19.637  2.065   -3.199  1.00 72.64  ? 12  DG  A C2    1 
ATOM   228 N  N2    . DG  A 1 12 ? 19.058  2.203   -1.990  1.00 71.12  ? 12  DG  A N2    1 
ATOM   229 N  N3    . DG  A 1 12 ? 20.138  3.126   -3.819  1.00 58.04  ? 12  DG  A N3    1 
ATOM   230 C  C4    . DG  A 1 12 ? 20.665  2.807   -5.020  1.00 58.83  ? 12  DG  A C4    1 
ATOM   231 P  P     . DG  B 1 2  ? 11.088  15.058  2.457   1.00 100.77 ? 14  DG  B P     1 
ATOM   232 O  OP1   . DG  B 1 2  ? 12.520  15.179  2.876   1.00 89.49  ? 14  DG  B OP1   1 
ATOM   233 O  OP2   . DG  B 1 2  ? 10.027  15.777  3.217   1.00 95.52  ? 14  DG  B OP2   1 
ATOM   234 O  "O5'" . DG  B 1 2  ? 10.924  15.499  0.931   1.00 103.54 ? 14  DG  B "O5'" 1 
ATOM   235 C  "C5'" . DG  B 1 2  ? 11.945  15.232  -0.056  1.00 88.82  ? 14  DG  B "C5'" 1 
ATOM   236 C  "C4'" . DG  B 1 2  ? 11.360  14.945  -1.426  1.00 85.37  ? 14  DG  B "C4'" 1 
ATOM   237 O  "O4'" . DG  B 1 2  ? 11.839  13.678  -1.947  1.00 79.37  ? 14  DG  B "O4'" 1 
ATOM   238 C  "C3'" . DG  B 1 2  ? 9.842   14.863  -1.583  1.00 77.71  ? 14  DG  B "C3'" 1 
ATOM   239 O  "O3'" . DG  B 1 2  ? 9.700   15.148  -2.977  1.00 84.65  ? 14  DG  B "O3'" 1 
ATOM   240 C  "C2'" . DG  B 1 2  ? 9.552   13.395  -1.324  1.00 73.67  ? 14  DG  B "C2'" 1 
ATOM   241 C  "C1'" . DG  B 1 2  ? 10.805  12.687  -1.868  1.00 68.00  ? 14  DG  B "C1'" 1 
ATOM   242 N  N9    . DG  B 1 2  ? 11.334  11.573  -1.077  1.00 56.68  ? 14  DG  B N9    1 
ATOM   243 C  C8    . DG  B 1 2  ? 11.502  11.533  0.286   1.00 63.17  ? 14  DG  B C8    1 
ATOM   244 N  N7    . DG  B 1 2  ? 12.013  10.407  0.708   1.00 56.95  ? 14  DG  B N7    1 
ATOM   245 C  C5    . DG  B 1 2  ? 12.188  9.656   -0.446  1.00 58.93  ? 14  DG  B C5    1 
ATOM   246 C  C6    . DG  B 1 2  ? 12.732  8.360   -0.623  1.00 59.63  ? 14  DG  B C6    1 
ATOM   247 O  O6    . DG  B 1 2  ? 13.164  7.581   0.234   1.00 60.71  ? 14  DG  B O6    1 
ATOM   248 N  N1    . DG  B 1 2  ? 12.718  7.977   -1.961  1.00 53.93  ? 14  DG  B N1    1 
ATOM   249 C  C2    . DG  B 1 2  ? 12.223  8.733   -2.996  1.00 56.63  ? 14  DG  B C2    1 
ATOM   250 N  N2    . DG  B 1 2  ? 12.283  8.176   -4.229  1.00 61.29  ? 14  DG  B N2    1 
ATOM   251 N  N3    . DG  B 1 2  ? 11.721  9.947   -2.845  1.00 53.02  ? 14  DG  B N3    1 
ATOM   252 C  C4    . DG  B 1 2  ? 11.740  10.347  -1.553  1.00 59.38  ? 14  DG  B C4    1 
ATOM   253 P  P     . DC  B 1 3  ? 8.285   15.411  -3.673  1.00 79.01  ? 15  DC  B P     1 
ATOM   254 O  OP1   . DC  B 1 3  ? 8.543   16.370  -4.809  1.00 71.29  ? 15  DC  B OP1   1 
ATOM   255 O  OP2   . DC  B 1 3  ? 7.288   15.744  -2.630  1.00 65.87  ? 15  DC  B OP2   1 
ATOM   256 O  "O5'" . DC  B 1 3  ? 7.889   13.962  -4.207  1.00 74.33  ? 15  DC  B "O5'" 1 
ATOM   257 C  "C5'" . DC  B 1 3  ? 8.544   13.411  -5.351  1.00 69.56  ? 15  DC  B "C5'" 1 
ATOM   258 C  "C4'" . DC  B 1 3  ? 8.192   11.949  -5.475  1.00 69.18  ? 15  DC  B "C4'" 1 
ATOM   259 O  "O4'" . DC  B 1 3  ? 8.665   11.223  -4.335  1.00 64.07  ? 15  DC  B "O4'" 1 
ATOM   260 C  "C3'" . DC  B 1 3  ? 6.701   11.634  -5.552  1.00 64.09  ? 15  DC  B "C3'" 1 
ATOM   261 O  "O3'" . DC  B 1 3  ? 6.404   11.523  -6.949  1.00 65.28  ? 15  DC  B "O3'" 1 
ATOM   262 C  "C2'" . DC  B 1 3  ? 6.550   10.351  -4.736  1.00 66.57  ? 15  DC  B "C2'" 1 
ATOM   263 C  "C1'" . DC  B 1 3  ? 7.960   10.000  -4.300  1.00 56.04  ? 15  DC  B "C1'" 1 
ATOM   264 N  N1    . DC  B 1 3  ? 8.119   9.454   -2.953  1.00 55.73  ? 15  DC  B N1    1 
ATOM   265 C  C2    . DC  B 1 3  ? 8.784   8.236   -2.778  1.00 49.79  ? 15  DC  B C2    1 
ATOM   266 O  O2    . DC  B 1 3  ? 9.137   7.601   -3.779  1.00 53.44  ? 15  DC  B O2    1 
ATOM   267 N  N3    . DC  B 1 3  ? 8.990   7.768   -1.522  1.00 43.40  ? 15  DC  B N3    1 
ATOM   268 C  C4    . DC  B 1 3  ? 8.652   8.521   -0.471  1.00 55.27  ? 15  DC  B C4    1 
ATOM   269 N  N4    . DC  B 1 3  ? 8.896   8.045   0.744   1.00 55.82  ? 15  DC  B N4    1 
ATOM   270 C  C5    . DC  B 1 3  ? 8.011   9.784   -0.623  1.00 58.44  ? 15  DC  B C5    1 
ATOM   271 C  C6    . DC  B 1 3  ? 7.788   10.218  -1.869  1.00 58.02  ? 15  DC  B C6    1 
ATOM   272 P  P     . DG  B 1 4  ? 4.921   11.130  -7.474  1.00 67.66  ? 16  DG  B P     1 
ATOM   273 O  OP1   . DG  B 1 4  ? 4.739   11.764  -8.801  1.00 55.43  ? 16  DG  B OP1   1 
ATOM   274 O  OP2   . DG  B 1 4  ? 3.920   11.419  -6.408  1.00 58.36  ? 16  DG  B OP2   1 
ATOM   275 O  "O5'" . DG  B 1 4  ? 5.071   9.563   -7.709  1.00 58.20  ? 16  DG  B "O5'" 1 
ATOM   276 C  "C5'" . DG  B 1 4  ? 6.081   9.082   -8.622  1.00 67.83  ? 16  DG  B "C5'" 1 
ATOM   277 C  "C4'" . DG  B 1 4  ? 6.165   7.579   -8.524  1.00 63.82  ? 16  DG  B "C4'" 1 
ATOM   278 O  "O4'" . DG  B 1 4  ? 6.531   7.182   -7.180  1.00 52.09  ? 16  DG  B "O4'" 1 
ATOM   279 C  "C3'" . DG  B 1 4  ? 4.838   6.881   -8.825  1.00 68.88  ? 16  DG  B "C3'" 1 
ATOM   280 O  "O3'" . DG  B 1 4  ? 5.150   5.815   -9.741  1.00 66.19  ? 16  DG  B "O3'" 1 
ATOM   281 C  "C2'" . DG  B 1 4  ? 4.296   6.552   -7.441  1.00 64.61  ? 16  DG  B "C2'" 1 
ATOM   282 C  "C1'" . DG  B 1 4  ? 5.570   6.270   -6.666  1.00 61.02  ? 16  DG  B "C1'" 1 
ATOM   283 N  N9    . DG  B 1 4  ? 5.505   6.450   -5.216  1.00 59.20  ? 16  DG  B N9    1 
ATOM   284 C  C8    . DG  B 1 4  ? 4.858   7.450   -4.528  1.00 58.08  ? 16  DG  B C8    1 
ATOM   285 N  N7    . DG  B 1 4  ? 5.021   7.370   -3.233  1.00 59.50  ? 16  DG  B N7    1 
ATOM   286 C  C5    . DG  B 1 4  ? 5.820   6.249   -3.054  1.00 54.35  ? 16  DG  B C5    1 
ATOM   287 C  C6    . DG  B 1 4  ? 6.327   5.657   -1.864  1.00 64.30  ? 16  DG  B C6    1 
ATOM   288 O  O6    . DG  B 1 4  ? 6.157   6.012   -0.694  1.00 64.19  ? 16  DG  B O6    1 
ATOM   289 N  N1    . DG  B 1 4  ? 7.120   4.545   -2.140  1.00 62.46  ? 16  DG  B N1    1 
ATOM   290 C  C2    . DG  B 1 4  ? 7.372   4.050   -3.397  1.00 62.78  ? 16  DG  B C2    1 
ATOM   291 N  N2    . DG  B 1 4  ? 8.155   2.964   -3.453  1.00 62.88  ? 16  DG  B N2    1 
ATOM   292 N  N3    . DG  B 1 4  ? 6.911   4.595   -4.516  1.00 53.51  ? 16  DG  B N3    1 
ATOM   293 C  C4    . DG  B 1 4  ? 6.153   5.687   -4.272  1.00 58.48  ? 16  DG  B C4    1 
ATOM   294 P  P     . DA  B 1 5  ? 4.034   4.790   -10.284 1.00 69.50  ? 17  DA  B P     1 
ATOM   295 O  OP1   . DA  B 1 5  ? 4.449   4.368   -11.652 1.00 67.04  ? 17  DA  B OP1   1 
ATOM   296 O  OP2   . DA  B 1 5  ? 2.693   5.369   -10.070 1.00 72.09  ? 17  DA  B OP2   1 
ATOM   297 O  "O5'" . DA  B 1 5  ? 4.284   3.513   -9.352  1.00 73.11  ? 17  DA  B "O5'" 1 
ATOM   298 C  "C5'" . DA  B 1 5  ? 5.586   2.871   -9.367  1.00 67.73  ? 17  DA  B "C5'" 1 
ATOM   299 C  "C4'" . DA  B 1 5  ? 5.596   1.619   -8.522  1.00 70.28  ? 17  DA  B "C4'" 1 
ATOM   300 O  "O4'" . DA  B 1 5  ? 5.635   1.999   -7.128  1.00 66.77  ? 17  DA  B "O4'" 1 
ATOM   301 C  "C3'" . DA  B 1 5  ? 4.387   0.681   -8.687  1.00 65.10  ? 17  DA  B "C3'" 1 
ATOM   302 O  "O3'" . DA  B 1 5  ? 4.866   -0.667  -8.748  1.00 71.81  ? 17  DA  B "O3'" 1 
ATOM   303 C  "C2'" . DA  B 1 5  ? 3.517   1.031   -7.497  1.00 71.80  ? 17  DA  B "C2'" 1 
ATOM   304 C  "C1'" . DA  B 1 5  ? 4.552   1.385   -6.448  1.00 71.29  ? 17  DA  B "C1'" 1 
ATOM   305 N  N9    . DA  B 1 5  ? 4.087   2.309   -5.420  1.00 72.75  ? 17  DA  B N9    1 
ATOM   306 C  C8    . DA  B 1 5  ? 3.280   3.411   -5.544  1.00 68.92  ? 17  DA  B C8    1 
ATOM   307 N  N7    . DA  B 1 5  ? 3.019   4.004   -4.405  1.00 59.39  ? 17  DA  B N7    1 
ATOM   308 C  C5    . DA  B 1 5  ? 3.685   3.232   -3.465  1.00 56.59  ? 17  DA  B C5    1 
ATOM   309 C  C6    . DA  B 1 5  ? 3.805   3.331   -2.067  1.00 56.41  ? 17  DA  B C6    1 
ATOM   310 N  N6    . DA  B 1 5  ? 3.228   4.287   -1.343  1.00 57.15  ? 17  DA  B N6    1 
ATOM   311 N  N1    . DA  B 1 5  ? 4.549   2.400   -1.431  1.00 57.67  ? 17  DA  B N1    1 
ATOM   312 C  C2    . DA  B 1 5  ? 5.074   1.401   -2.152  1.00 55.32  ? 17  DA  B C2    1 
ATOM   313 N  N3    . DA  B 1 5  ? 5.035   1.204   -3.468  1.00 48.53  ? 17  DA  B N3    1 
ATOM   314 C  C4    . DA  B 1 5  ? 4.323   2.168   -4.074  1.00 63.94  ? 17  DA  B C4    1 
ATOM   315 P  P     . DA  B 1 6  ? 3.893   -1.966  -8.794  1.00 69.22  ? 18  DA  B P     1 
ATOM   316 O  OP1   . DA  B 1 6  ? 4.458   -2.952  -9.776  1.00 66.64  ? 18  DA  B OP1   1 
ATOM   317 O  OP2   . DA  B 1 6  ? 2.485   -1.496  -8.941  1.00 82.65  ? 18  DA  B OP2   1 
ATOM   318 O  "O5'" . DA  B 1 6  ? 4.147   -2.597  -7.350  1.00 65.95  ? 18  DA  B "O5'" 1 
ATOM   319 C  "C5'" . DA  B 1 6  ? 5.382   -3.249  -6.997  1.00 63.32  ? 18  DA  B "C5'" 1 
ATOM   320 C  "C4'" . DA  B 1 6  ? 5.305   -3.781  -5.586  1.00 58.88  ? 18  DA  B "C4'" 1 
ATOM   321 O  "O4'" . DA  B 1 6  ? 4.857   -2.736  -4.685  1.00 68.90  ? 18  DA  B "O4'" 1 
ATOM   322 C  "C3'" . DA  B 1 6  ? 4.342   -4.948  -5.367  1.00 73.63  ? 18  DA  B "C3'" 1 
ATOM   323 O  "O3'" . DA  B 1 6  ? 4.994   -5.782  -4.394  1.00 83.23  ? 18  DA  B "O3'" 1 
ATOM   324 C  "C2'" . DA  B 1 6  ? 3.083   -4.267  -4.847  1.00 65.21  ? 18  DA  B "C2'" 1 
ATOM   325 C  "C1'" . DA  B 1 6  ? 3.682   -3.155  -3.993  1.00 64.77  ? 18  DA  B "C1'" 1 
ATOM   326 N  N9    . DA  B 1 6  ? 2.866   -1.962  -3.784  1.00 65.18  ? 18  DA  B N9    1 
ATOM   327 C  C8    . DA  B 1 6  ? 2.293   -1.157  -4.740  1.00 63.03  ? 18  DA  B C8    1 
ATOM   328 N  N7    . DA  B 1 6  ? 1.702   -0.093  -4.250  1.00 56.92  ? 18  DA  B N7    1 
ATOM   329 C  C5    . DA  B 1 6  ? 1.906   -0.201  -2.880  1.00 56.48  ? 18  DA  B C5    1 
ATOM   330 C  C6    . DA  B 1 6  ? 1.559   0.633   -1.806  1.00 60.11  ? 18  DA  B C6    1 
ATOM   331 N  N6    . DA  B 1 6  ? 0.871   1.769   -1.943  1.00 60.74  ? 18  DA  B N6    1 
ATOM   332 N  N1    . DA  B 1 6  ? 1.968   0.270   -0.573  1.00 68.83  ? 18  DA  B N1    1 
ATOM   333 C  C2    . DA  B 1 6  ? 2.664   -0.863  -0.436  1.00 66.41  ? 18  DA  B C2    1 
ATOM   334 N  N3    . DA  B 1 6  ? 3.065   -1.722  -1.370  1.00 64.25  ? 18  DA  B N3    1 
ATOM   335 C  C4    . DA  B 1 6  ? 2.646   -1.331  -2.583  1.00 55.58  ? 18  DA  B C4    1 
ATOM   336 P  P     . DT  B 1 7  ? 4.438   -7.239  -3.974  1.00 78.60  ? 19  DT  B P     1 
ATOM   337 O  OP1   . DT  B 1 7  ? 5.633   -8.093  -3.699  1.00 76.50  ? 19  DT  B OP1   1 
ATOM   338 O  OP2   . DT  B 1 7  ? 3.435   -7.666  -4.950  1.00 64.66  ? 19  DT  B OP2   1 
ATOM   339 O  "O5'" . DT  B 1 7  ? 3.764   -6.934  -2.565  1.00 74.01  ? 19  DT  B "O5'" 1 
ATOM   340 C  "C5'" . DT  B 1 7  ? 4.631   -6.464  -1.523  1.00 79.67  ? 19  DT  B "C5'" 1 
ATOM   341 C  "C4'" . DT  B 1 7  ? 3.835   -6.109  -0.294  1.00 81.60  ? 19  DT  B "C4'" 1 
ATOM   342 O  "O4'" . DT  B 1 7  ? 3.083   -4.893  -0.509  1.00 80.22  ? 19  DT  B "O4'" 1 
ATOM   343 C  "C3'" . DT  B 1 7  ? 2.830   -7.183  0.142   1.00 77.89  ? 19  DT  B "C3'" 1 
ATOM   344 O  "O3'" . DT  B 1 7  ? 3.287   -7.608  1.443   1.00 92.30  ? 19  DT  B "O3'" 1 
ATOM   345 C  "C2'" . DT  B 1 7  ? 1.474   -6.484  0.066   1.00 78.86  ? 19  DT  B "C2'" 1 
ATOM   346 C  "C1'" . DT  B 1 7  ? 1.824   -5.001  0.136   1.00 69.50  ? 19  DT  B "C1'" 1 
ATOM   347 N  N1    . DT  B 1 7  ? 0.908   -4.078  -0.554  1.00 64.90  ? 19  DT  B N1    1 
ATOM   348 C  C2    . DT  B 1 7  ? 0.343   -3.022  0.134   1.00 59.94  ? 19  DT  B C2    1 
ATOM   349 O  O2    . DT  B 1 7  ? 0.519   -2.823  1.328   1.00 65.02  ? 19  DT  B O2    1 
ATOM   350 N  N3    . DT  B 1 7  ? -0.463  -2.214  -0.627  1.00 48.19  ? 19  DT  B N3    1 
ATOM   351 C  C4    . DT  B 1 7  ? -0.740  -2.342  -1.979  1.00 53.89  ? 19  DT  B C4    1 
ATOM   352 O  O4    . DT  B 1 7  ? -1.434  -1.505  -2.542  1.00 60.34  ? 19  DT  B O4    1 
ATOM   353 C  C5    . DT  B 1 7  ? -0.113  -3.460  -2.632  1.00 59.06  ? 19  DT  B C5    1 
ATOM   354 C  C7    . DT  B 1 7  ? -0.367  -3.679  -4.089  1.00 70.38  ? 19  DT  B C7    1 
ATOM   355 C  C6    . DT  B 1 7  ? 0.676   -4.258  -1.901  1.00 64.34  ? 19  DT  B C6    1 
ATOM   356 P  P     . DT  B 1 8  ? 2.503   -8.725  2.281   1.00 90.42  ? 20  DT  B P     1 
ATOM   357 O  OP1   . DT  B 1 8  ? 3.480   -9.343  3.219   1.00 93.06  ? 20  DT  B OP1   1 
ATOM   358 O  OP2   . DT  B 1 8  ? 1.739   -9.581  1.309   1.00 70.92  ? 20  DT  B OP2   1 
ATOM   359 O  "O5'" . DT  B 1 8  ? 1.493   -7.852  3.152   1.00 85.91  ? 20  DT  B "O5'" 1 
ATOM   360 C  "C5'" . DT  B 1 8  ? 1.978   -6.814  4.029   1.00 81.55  ? 20  DT  B "C5'" 1 
ATOM   361 C  "C4'" . DT  B 1 8  ? 0.818   -6.022  4.592   1.00 85.71  ? 20  DT  B "C4'" 1 
ATOM   362 O  "O4'" . DT  B 1 8  ? 0.118   -5.343  3.529   1.00 79.11  ? 20  DT  B "O4'" 1 
ATOM   363 C  "C3'" . DT  B 1 8  ? -0.248  -6.843  5.329   1.00 85.05  ? 20  DT  B "C3'" 1 
ATOM   364 O  "O3'" . DT  B 1 8  ? -0.413  -6.247  6.627   1.00 91.35  ? 20  DT  B "O3'" 1 
ATOM   365 C  "C2'" . DT  B 1 8  ? -1.448  -6.788  4.387   1.00 77.43  ? 20  DT  B "C2'" 1 
ATOM   366 C  "C1'" . DT  B 1 8  ? -1.273  -5.419  3.770   1.00 71.25  ? 20  DT  B "C1'" 1 
ATOM   367 N  N1    . DT  B 1 8  ? -1.971  -5.114  2.487   1.00 67.24  ? 20  DT  B N1    1 
ATOM   368 C  C2    . DT  B 1 8  ? -2.664  -3.920  2.361   1.00 58.65  ? 20  DT  B C2    1 
ATOM   369 O  O2    . DT  B 1 8  ? -2.775  -3.109  3.264   1.00 69.49  ? 20  DT  B O2    1 
ATOM   370 N  N3    . DT  B 1 8  ? -3.232  -3.716  1.130   1.00 56.30  ? 20  DT  B N3    1 
ATOM   371 C  C4    . DT  B 1 8  ? -3.138  -4.533  0.022   1.00 63.79  ? 20  DT  B C4    1 
ATOM   372 O  O4    . DT  B 1 8  ? -3.689  -4.205  -1.023  1.00 61.47  ? 20  DT  B O4    1 
ATOM   373 C  C5    . DT  B 1 8  ? -2.404  -5.771  0.224   1.00 63.89  ? 20  DT  B C5    1 
ATOM   374 C  C7    . DT  B 1 8  ? -2.315  -6.758  -0.896  1.00 61.53  ? 20  DT  B C7    1 
ATOM   375 C  C6    . DT  B 1 8  ? -1.846  -5.980  1.422   1.00 56.96  ? 20  DT  B C6    1 
HETATM 376 N  N     . 1W5 B 1 9  ? -4.519  -7.953  2.314   1.00 91.63  ? 21  1W5 B N     1 
HETATM 377 P  P     . 1W5 B 1 9  ? -1.159  -7.029  7.844   1.00 90.08  ? 21  1W5 B P     1 
HETATM 378 C  C1    . 1W5 B 1 9  ? -5.929  -5.214  4.421   1.00 77.29  ? 21  1W5 B C1    1 
HETATM 379 C  C2    . 1W5 B 1 9  ? -6.662  -4.480  3.363   1.00 75.64  ? 21  1W5 B C2    1 
HETATM 380 O  O2    . 1W5 B 1 9  ? -7.394  -3.390  3.689   1.00 72.63  ? 21  1W5 B O2    1 
HETATM 381 N  N3    . 1W5 B 1 9  ? -6.699  -4.872  2.095   1.00 69.82  ? 21  1W5 B N3    1 
HETATM 382 C  C4    . 1W5 B 1 9  ? -6.016  -5.971  1.739   1.00 68.01  ? 21  1W5 B C4    1 
HETATM 383 N  N4    . 1W5 B 1 9  ? -6.040  -6.290  0.459   1.00 62.90  ? 21  1W5 B N4    1 
HETATM 384 C  C5    . 1W5 B 1 9  ? -5.283  -6.741  2.687   1.00 77.40  ? 21  1W5 B C5    1 
HETATM 385 C  C6    . 1W5 B 1 9  ? -5.256  -6.349  4.017   1.00 79.95  ? 21  1W5 B C6    1 
HETATM 386 C  "C1'" . 1W5 B 1 9  ? -5.962  -4.799  5.869   1.00 99.38  ? 21  1W5 B "C1'" 1 
HETATM 387 C  "C2'" . 1W5 B 1 9  ? -6.026  -5.950  6.889   1.00 108.02 ? 21  1W5 B "C2'" 1 
HETATM 388 C  "C3'" . 1W5 B 1 9  ? -5.239  -5.440  8.091   1.00 110.01 ? 21  1W5 B "C3'" 1 
HETATM 389 O  "O3'" . 1W5 B 1 9  ? -6.049  -4.643  8.958   1.00 102.81 ? 21  1W5 B "O3'" 1 
HETATM 390 C  "C4'" . 1W5 B 1 9  ? -4.169  -4.569  7.429   1.00 107.00 ? 21  1W5 B "C4'" 1 
HETATM 391 O  "O4'" . 1W5 B 1 9  ? -4.761  -4.087  6.202   1.00 113.61 ? 21  1W5 B "O4'" 1 
HETATM 392 C  "C5'" . 1W5 B 1 9  ? -2.881  -5.250  7.050   1.00 106.52 ? 21  1W5 B "C5'" 1 
HETATM 393 O  "O5'" . 1W5 B 1 9  ? -2.441  -6.086  8.125   1.00 100.08 ? 21  1W5 B "O5'" 1 
HETATM 394 O  ON1   . 1W5 B 1 9  ? -3.728  -8.414  3.134   1.00 102.17 ? 21  1W5 B ON1   1 
HETATM 395 O  ON2   . 1W5 B 1 9  ? -4.732  -8.452  1.213   1.00 61.90  ? 21  1W5 B ON2   1 
HETATM 396 O  OP1   . 1W5 B 1 9  ? -0.472  -7.102  8.668   1.00 87.56  ? 21  1W5 B OP1   1 
HETATM 397 O  OP2   . 1W5 B 1 9  ? -1.623  -8.341  7.343   1.00 87.38  ? 21  1W5 B OP2   1 
ATOM   398 P  P     . DG  B 1 10 ? -6.764  -5.298  10.245  1.00 98.64  ? 22  DG  B P     1 
ATOM   399 O  OP1   . DG  B 1 10 ? -6.244  -4.604  11.443  1.00 100.71 ? 22  DG  B OP1   1 
ATOM   400 O  OP2   . DG  B 1 10 ? -6.646  -6.781  10.149  1.00 91.70  ? 22  DG  B OP2   1 
ATOM   401 O  "O5'" . DG  B 1 10 ? -8.290  -4.837  10.091  1.00 86.04  ? 22  DG  B "O5'" 1 
ATOM   402 C  "C5'" . DG  B 1 10 ? -8.633  -3.525  9.558   1.00 76.92  ? 22  DG  B "C5'" 1 
ATOM   403 C  "C4'" . DG  B 1 10 ? -9.902  -3.558  8.735   1.00 81.59  ? 22  DG  B "C4'" 1 
ATOM   404 O  "O4'" . DG  B 1 10 ? -9.663  -3.981  7.361   1.00 87.24  ? 22  DG  B "O4'" 1 
ATOM   405 C  "C3'" . DG  B 1 10 ? -10.998 -4.483  9.262   1.00 75.77  ? 22  DG  B "C3'" 1 
ATOM   406 O  "O3'" . DG  B 1 10 ? -12.245 -3.890  8.923   1.00 77.33  ? 22  DG  B "O3'" 1 
ATOM   407 C  "C2'" . DG  B 1 10 ? -10.865 -5.701  8.375   1.00 75.57  ? 22  DG  B "C2'" 1 
ATOM   408 C  "C1'" . DG  B 1 10 ? -10.581 -5.025  7.047   1.00 75.59  ? 22  DG  B "C1'" 1 
ATOM   409 N  N9    . DG  B 1 10 ? -9.985  -5.868  6.013   1.00 80.29  ? 22  DG  B N9    1 
ATOM   410 C  C8    . DG  B 1 10 ? -9.217  -6.998  6.176   1.00 70.98  ? 22  DG  B C8    1 
ATOM   411 N  N7    . DG  B 1 10 ? -8.844  -7.529  5.045   1.00 68.99  ? 22  DG  B N7    1 
ATOM   412 C  C5    . DG  B 1 10 ? -9.405  -6.708  4.079   1.00 67.82  ? 22  DG  B C5    1 
ATOM   413 C  C6    . DG  B 1 10 ? -9.355  -6.785  2.664   1.00 65.87  ? 22  DG  B C6    1 
ATOM   414 O  O6    . DG  B 1 10 ? -8.769  -7.607  1.957   1.00 80.49  ? 22  DG  B O6    1 
ATOM   415 N  N1    . DG  B 1 10 ? -10.099 -5.773  2.070   1.00 70.19  ? 22  DG  B N1    1 
ATOM   416 C  C2    . DG  B 1 10 ? -10.787 -4.799  2.749   1.00 62.82  ? 22  DG  B C2    1 
ATOM   417 N  N2    . DG  B 1 10 ? -11.442 -3.902  1.999   1.00 61.12  ? 22  DG  B N2    1 
ATOM   418 N  N3    . DG  B 1 10 ? -10.819 -4.701  4.066   1.00 65.92  ? 22  DG  B N3    1 
ATOM   419 C  C4    . DG  B 1 10 ? -10.126 -5.690  4.662   1.00 64.62  ? 22  DG  B C4    1 
ATOM   420 P  P     . DC  B 1 11 ? -13.273 -3.523  10.047  1.00 77.87  ? 23  DC  B P     1 
ATOM   421 O  OP1   . DC  B 1 11 ? -12.780 -2.323  10.754  1.00 84.62  ? 23  DC  B OP1   1 
ATOM   422 O  OP2   . DC  B 1 11 ? -13.554 -4.761  10.805  1.00 65.36  ? 23  DC  B OP2   1 
ATOM   423 O  "O5'" . DC  B 1 11 ? -14.498 -2.999  9.181   1.00 76.67  ? 23  DC  B "O5'" 1 
ATOM   424 C  "C5'" . DC  B 1 11 ? -14.383 -1.803  8.404   1.00 69.21  ? 23  DC  B "C5'" 1 
ATOM   425 C  "C4'" . DC  B 1 11 ? -15.241 -1.902  7.164   1.00 66.17  ? 23  DC  B "C4'" 1 
ATOM   426 O  "O4'" . DC  B 1 11 ? -14.599 -2.761  6.187   1.00 64.16  ? 23  DC  B "O4'" 1 
ATOM   427 C  "C3'" . DC  B 1 11 ? -16.651 -2.460  7.369   1.00 66.86  ? 23  DC  B "C3'" 1 
ATOM   428 O  "O3'" . DC  B 1 11 ? -17.525 -1.721  6.513   1.00 60.94  ? 23  DC  B "O3'" 1 
ATOM   429 C  "C2'" . DC  B 1 11 ? -16.518 -3.904  6.904   1.00 67.21  ? 23  DC  B "C2'" 1 
ATOM   430 C  "C1'" . DC  B 1 11 ? -15.494 -3.786  5.782   1.00 59.18  ? 23  DC  B "C1'" 1 
ATOM   431 N  N1    . DC  B 1 11 ? -14.696 -4.992  5.465   1.00 59.59  ? 23  DC  B N1    1 
ATOM   432 C  C2    . DC  B 1 11 ? -14.396 -5.297  4.118   1.00 56.71  ? 23  DC  B C2    1 
ATOM   433 O  O2    . DC  B 1 11 ? -14.773 -4.519  3.214   1.00 45.69  ? 23  DC  B O2    1 
ATOM   434 N  N3    . DC  B 1 11 ? -13.677 -6.409  3.841   1.00 48.40  ? 23  DC  B N3    1 
ATOM   435 C  C4    . DC  B 1 11 ? -13.277 -7.210  4.837   1.00 52.34  ? 23  DC  B C4    1 
ATOM   436 N  N4    . DC  B 1 11 ? -12.561 -8.287  4.524   1.00 49.61  ? 23  DC  B N4    1 
ATOM   437 C  C5    . DC  B 1 11 ? -13.555 -6.916  6.205   1.00 46.68  ? 23  DC  B C5    1 
ATOM   438 C  C6    . DC  B 1 11 ? -14.236 -5.798  6.472   1.00 52.98  ? 23  DC  B C6    1 
ATOM   439 P  P     . DG  B 1 12 ? -19.068 -1.502  6.860   1.00 59.57  ? 24  DG  B P     1 
ATOM   440 O  OP1   . DG  B 1 12 ? -19.614 -0.538  5.897   1.00 47.06  ? 24  DG  B OP1   1 
ATOM   441 O  OP2   . DG  B 1 12 ? -19.200 -1.285  8.305   1.00 54.63  ? 24  DG  B OP2   1 
ATOM   442 O  "O5'" . DG  B 1 12 ? -19.764 -2.912  6.571   1.00 56.96  ? 24  DG  B "O5'" 1 
ATOM   443 C  "C5'" . DG  B 1 12 ? -19.927 -3.497  5.278   1.00 58.40  ? 24  DG  B "C5'" 1 
ATOM   444 C  "C4'" . DG  B 1 12 ? -20.602 -4.843  5.438   1.00 58.72  ? 24  DG  B "C4'" 1 
ATOM   445 O  "O4'" . DG  B 1 12 ? -19.747 -5.738  6.186   1.00 53.74  ? 24  DG  B "O4'" 1 
ATOM   446 C  "C3'" . DG  B 1 12 ? -21.927 -4.805  6.199   1.00 55.39  ? 24  DG  B "C3'" 1 
ATOM   447 O  "O3'" . DG  B 1 12 ? -22.970 -4.852  5.252   1.00 58.18  ? 24  DG  B "O3'" 1 
ATOM   448 C  "C2'" . DG  B 1 12 ? -21.914 -6.078  7.023   1.00 57.37  ? 24  DG  B "C2'" 1 
ATOM   449 C  "C1'" . DG  B 1 12 ? -20.430 -6.271  7.316   1.00 50.19  ? 24  DG  B "C1'" 1 
ATOM   450 N  N9    . DG  B 1 12 ? -19.935 -5.557  8.489   1.00 55.60  ? 24  DG  B N9    1 
ATOM   451 C  C8    . DG  B 1 12 ? -20.555 -4.520  9.142   1.00 52.94  ? 24  DG  B C8    1 
ATOM   452 N  N7    . DG  B 1 12 ? -19.828 -4.011  10.097  1.00 49.70  ? 24  DG  B N7    1 
ATOM   453 C  C5    . DG  B 1 12 ? -18.685 -4.796  10.118  1.00 50.84  ? 24  DG  B C5    1 
ATOM   454 C  C6    . DG  B 1 12 ? -17.523 -4.695  10.922  1.00 59.74  ? 24  DG  B C6    1 
ATOM   455 O  O6    . DG  B 1 12 ? -17.299 -3.917  11.854  1.00 69.38  ? 24  DG  B O6    1 
ATOM   456 N  N1    . DG  B 1 12 ? -16.557 -5.629  10.550  1.00 56.99  ? 24  DG  B N1    1 
ATOM   457 C  C2    . DG  B 1 12 ? -16.696 -6.543  9.537   1.00 54.69  ? 24  DG  B C2    1 
ATOM   458 N  N2    . DG  B 1 12 ? -15.663 -7.379  9.342   1.00 61.43  ? 24  DG  B N2    1 
ATOM   459 N  N3    . DG  B 1 12 ? -17.765 -6.625  8.762   1.00 55.95  ? 24  DG  B N3    1 
ATOM   460 C  C4    . DG  B 1 12 ? -18.708 -5.719  9.100   1.00 49.82  ? 24  DG  B C4    1 
HETATM 461 CA CA    . CA  C 2 .  ? 20.539  0.240   -9.654  1.00 95.13  ? 101 CA  A CA    1 
HETATM 462 CA CA    . CA  D 2 .  ? 13.211  -1.987  2.578   1.00 110.08 ? 102 CA  A CA    1 
HETATM 463 CA CA    . CA  E 2 .  ? -12.770 -4.624  -11.729 0.30 104.90 ? 103 CA  A CA    1 
HETATM 464 CA CA    . CA  F 2 .  ? 15.953  3.911   -11.807 1.00 64.64  ? 104 CA  A CA    1 
HETATM 465 CA CA    . CA  G 2 .  ? -8.258  0.684   5.225   1.00 104.72 ? 105 CA  A CA    1 
HETATM 466 CA CA    . CA  H 2 .  ? 11.409  7.650   -14.267 0.33 115.29 ? 101 CA  B CA    1 
HETATM 467 CA CA    . CA  I 2 .  ? 3.131   3.444   -13.423 0.33 72.51  ? 102 CA  B CA    1 
HETATM 468 CA CA    . CA  J 2 .  ? 8.442   -10.911 4.944   0.33 129.51 ? 103 CA  B CA    1 
HETATM 469 CA CA    . CA  K 2 .  ? 8.989   -0.781  -5.122  1.00 66.12  ? 104 CA  B CA    1 
HETATM 470 O  O     . HOH L 3 .  ? 9.689   0.169   -3.162  1.00 51.31  ? 201 HOH A O     1 
HETATM 471 O  O     . HOH L 3 .  ? 12.116  2.249   -4.498  1.00 55.67  ? 202 HOH A O     1 
HETATM 472 O  O     . HOH L 3 .  ? -6.799  6.995   7.194   1.00 64.52  ? 203 HOH A O     1 
HETATM 473 O  O     . HOH L 3 .  ? -4.726  6.895   8.726   1.00 85.81  ? 204 HOH A O     1 
HETATM 474 O  O     . HOH M 3 .  ? -14.488 -3.692  12.062  1.00 98.39  ? 201 HOH B O     1 
HETATM 475 O  O     . HOH M 3 .  ? -21.092 -1.133  9.560   0.33 21.82  ? 202 HOH B O     1 
HETATM 476 O  O     . HOH M 3 .  ? 6.633   -0.462  -4.443  1.00 71.59  ? 203 HOH B O     1 
HETATM 477 O  O     . HOH M 3 .  ? 5.106   -2.525  0.116   1.00 65.15  ? 204 HOH B O     1 
HETATM 478 O  O     . HOH M 3 .  ? -18.236 1.856   6.290   1.00 47.63  ? 205 HOH B O     1 
HETATM 479 O  O     . HOH M 3 .  ? -24.631 -6.923  4.294   1.00 60.83  ? 206 HOH B O     1 
HETATM 480 O  O     . HOH M 3 .  ? -16.398 -5.802  14.049  1.00 56.25  ? 207 HOH B O     1 
HETATM 481 O  O     . HOH M 3 .  ? -23.576 -5.302  1.979   1.00 52.98  ? 208 HOH B O     1 
HETATM 482 O  O     . HOH M 3 .  ? -10.248 -0.600  6.825   1.00 68.67  ? 209 HOH B O     1 
HETATM 483 O  O     . HOH M 3 .  ? 6.242   -11.929 2.873   1.00 72.61  ? 210 HOH B O     1 
HETATM 484 O  O     . HOH M 3 .  ? 8.715   -3.012  -4.069  1.00 65.38  ? 211 HOH B O     1 
HETATM 485 O  O     . HOH M 3 .  ? 8.483   -1.806  -7.231  1.00 55.49  ? 212 HOH B O     1 
# 
